data_7ZT6
#
_entry.id   7ZT6
#
_cell.length_a   1.00
_cell.length_b   1.00
_cell.length_c   1.00
_cell.angle_alpha   90.00
_cell.angle_beta   90.00
_cell.angle_gamma   90.00
#
_symmetry.space_group_name_H-M   'P 1'
#
loop_
_entity.id
_entity.type
_entity.pdbx_description
1 polymer 'X-ray repair cross-complementing protein 6'
2 polymer 'X-ray repair cross-complementing protein 5'
3 non-polymer 'INOSITOL HEXAKISPHOSPHATE'
#
loop_
_entity_poly.entity_id
_entity_poly.type
_entity_poly.pdbx_seq_one_letter_code
_entity_poly.pdbx_strand_id
1 'polypeptide(L)'
;MNTIHHHHHHNTSGSGGGGGRLVPRGSMSENLYFQGSMSGWESYYKTEGDEEAEEEQEENLEASGDYKYSGRDSLIFLVD
ASKAMFESQSEDELTPFDMSIQCIQSVYISKIISSDRDLLAVVFYGTEKDKNSVNFKNIYVLQELDNPGAKRILELDQFK
GQQGQKRFQDMMGHGSDYSLSEVLWVCANLFSDVQFKMSHKRIMLFTNEDNPHGNDSAKASRARTKAGDLRDTGIFLDLM
HLKKPGGFDISLFYRDIISIAEDEDLRVHFEESSKLEDLLRKVRAKETRKRALSRLKLKLNKDIVISVGIYNLVQKALKP
PPIKLYRETNEPVKTKTRTFNTSTGGLLLPSDTKRSQIYGSRQIILEKEETEELKRFDDPGLMLMGFKPLVLLKKHHYLR
PSLFVYPEESLVIGSSTLFSALLIKCLEKEVAALCRYTPRRNIPPYFVALVPQEEELDDQKIQVTPPGFQLVFLPFADDK
RKMPFTEKIMATPEQVGKMKAIVEKLRFTYRSDSFENPVLQQHFRNLEALALDLMEPEQAVDLTLPKVEAMNKRLGSLVD
EFKELVYPPDYNPEGKVTKRKHDNEGSGSKRPKVEYSEEELKTHISKGTLGKFTVPMLKEACRAYGLKSGLKKQELLEAL
TKHFQD
;
A
2 'polypeptide(L)'
;MVRSGNKAAVVLCMDVGFTMSNSIPGIESPFEQAKKVITMFVQRQVFAENKDEIALVLFGTDGTDNPLSGGDQYQNITVH
RHLMLPDFDLLEDIESKIQPGSQQADFLDALIVSMDVIQHETIGKKFEKRHIEIFTDLSSRFSKSQLDIIIHSLKKCDIS
LQFFLPFSLGKEDGSGDRGDGPFRLGGHGPSFPLKGITEQQKEGLEIVKMVMISLEGEDGLDEIYSFSESLRKLCVFKKI
ERHSIHWPCRLTIGSNLSIRIAAYKSILQERVKKTWTVVDAKTLKKEDIQKETVYCLNDDDETEVLKEDIIQGFRYGSDI
VPFSKVDEEQMKYKSEGKCFSVLGFCKSSQVQRRFFMGNQVLKVFAARDDEAAAVALSSLIHALDDLDMVAIVRYAYDKR
ANPQVGVAFPHIKHNYECLVYVQLPFMEDLRQYMFSSLKNSKKYAPTEAQLNAVDALIDSMSLAKKDEKTDTLEDLFPTT
KIPNPRFQRLFQCLLHRALHPREPLPPIQQHIWNMLNPPAEVTTKSQIPLSKIKTLFPLIEAKKKDQVTAQEIFQDNHED
GPTAKKLKTEQGGAHFSVSSLAEGSVTSVGSVNPAENFRVLVKQKKASFEEASNQLINHIEQFLDTNETPYFMKSIDCIR
AFREEAIKFSEEQRFNNFLKALQEKVEIKQLNHFWEIVVQDGITLITKEEASGSSVTAEEAKKFLAPKDKPSGDTAAVFE
EGGDVDDLLDMI
;
B
#
loop_
_chem_comp.id
_chem_comp.type
_chem_comp.name
_chem_comp.formula
IHP non-polymer 'INOSITOL HEXAKISPHOSPHATE' 'C6 H18 O24 P6'
#
# COMPACT_ATOMS: atom_id res chain seq x y z
N GLY A 71 -19.34 5.14 -17.49
CA GLY A 71 -18.24 5.73 -18.23
C GLY A 71 -17.85 4.94 -19.46
N ARG A 72 -18.00 5.56 -20.63
CA ARG A 72 -17.66 4.91 -21.90
C ARG A 72 -17.40 6.00 -22.92
N ASP A 73 -16.14 6.19 -23.29
CA ASP A 73 -15.72 7.23 -24.22
C ASP A 73 -15.08 6.59 -25.45
N SER A 74 -14.55 7.43 -26.32
CA SER A 74 -14.00 6.95 -27.58
C SER A 74 -12.92 7.90 -28.07
N LEU A 75 -12.09 7.42 -28.99
CA LEU A 75 -10.98 8.18 -29.53
C LEU A 75 -10.88 7.93 -31.02
N ILE A 76 -10.34 8.92 -31.73
CA ILE A 76 -10.11 8.84 -33.16
C ILE A 76 -8.67 9.24 -33.43
N PHE A 77 -7.88 8.31 -33.95
CA PHE A 77 -6.50 8.59 -34.31
C PHE A 77 -6.46 9.04 -35.76
N LEU A 78 -6.62 10.33 -35.97
CA LEU A 78 -6.57 10.89 -37.31
C LEU A 78 -5.11 11.01 -37.72
N VAL A 79 -4.76 10.43 -38.85
CA VAL A 79 -3.38 10.39 -39.31
C VAL A 79 -3.29 10.95 -40.71
N ASP A 80 -2.28 11.79 -40.94
CA ASP A 80 -2.04 12.36 -42.26
C ASP A 80 -1.21 11.40 -43.10
N ALA A 81 -1.54 11.32 -44.38
CA ALA A 81 -0.80 10.50 -45.34
C ALA A 81 -0.23 11.44 -46.41
N SER A 82 0.99 11.90 -46.20
CA SER A 82 1.65 12.79 -47.14
C SER A 82 3.08 12.31 -47.36
N LYS A 83 3.72 12.91 -48.36
CA LYS A 83 5.08 12.51 -48.71
C LYS A 83 6.02 12.69 -47.54
N ALA A 84 5.84 13.76 -46.77
CA ALA A 84 6.65 13.97 -45.58
C ALA A 84 6.45 12.84 -44.57
N MET A 85 5.24 12.30 -44.49
CA MET A 85 4.94 11.25 -43.52
C MET A 85 5.72 9.98 -43.77
N PHE A 86 6.28 9.80 -44.97
CA PHE A 86 7.00 8.58 -45.32
C PHE A 86 8.49 8.81 -45.45
N GLU A 87 8.95 10.05 -45.34
CA GLU A 87 10.36 10.38 -45.43
C GLU A 87 10.95 10.36 -44.02
N SER A 88 12.05 9.63 -43.86
CA SER A 88 12.73 9.54 -42.57
C SER A 88 13.80 10.61 -42.49
N GLN A 89 13.87 11.29 -41.34
CA GLN A 89 14.88 12.32 -41.15
C GLN A 89 16.28 11.74 -41.25
N SER A 90 16.51 10.57 -40.64
CA SER A 90 17.78 9.87 -40.73
C SER A 90 17.52 8.38 -40.84
N GLU A 91 18.53 7.65 -41.30
CA GLU A 91 18.39 6.20 -41.41
C GLU A 91 18.14 5.57 -40.06
N ASP A 92 18.86 6.02 -39.03
CA ASP A 92 18.61 5.53 -37.68
C ASP A 92 17.19 5.87 -37.23
N GLU A 93 16.74 7.09 -37.54
CA GLU A 93 15.36 7.46 -37.26
C GLU A 93 14.42 6.64 -38.11
N LEU A 94 13.19 6.49 -37.64
CA LEU A 94 12.18 5.70 -38.33
C LEU A 94 11.11 6.62 -38.92
N THR A 95 10.39 6.08 -39.89
CA THR A 95 9.36 6.84 -40.58
C THR A 95 8.32 7.36 -39.59
N PRO A 96 7.95 8.64 -39.66
CA PRO A 96 6.90 9.14 -38.76
C PRO A 96 5.59 8.40 -38.92
N PHE A 97 5.26 7.97 -40.14
CA PHE A 97 4.09 7.13 -40.30
C PHE A 97 4.24 5.82 -39.55
N ASP A 98 5.46 5.26 -39.57
CA ASP A 98 5.72 4.06 -38.78
C ASP A 98 5.54 4.33 -37.29
N MET A 99 6.06 5.46 -36.83
CA MET A 99 5.79 5.90 -35.46
C MET A 99 4.31 5.85 -35.17
N SER A 100 3.50 6.44 -36.05
CA SER A 100 2.08 6.54 -35.78
C SER A 100 1.44 5.15 -35.71
N ILE A 101 1.73 4.29 -36.68
CA ILE A 101 1.04 3.00 -36.71
C ILE A 101 1.47 2.14 -35.54
N GLN A 102 2.76 2.13 -35.21
CA GLN A 102 3.20 1.35 -34.05
C GLN A 102 2.59 1.90 -32.77
N CYS A 103 2.46 3.23 -32.69
CA CYS A 103 1.81 3.83 -31.52
C CYS A 103 0.37 3.38 -31.40
N ILE A 104 -0.34 3.32 -32.52
CA ILE A 104 -1.73 2.89 -32.48
C ILE A 104 -1.83 1.43 -32.05
N GLN A 105 -0.94 0.60 -32.57
CA GLN A 105 -0.91 -0.78 -32.11
C GLN A 105 -0.67 -0.85 -30.61
N SER A 106 0.24 0.00 -30.12
CA SER A 106 0.54 0.02 -28.69
C SER A 106 -0.69 0.41 -27.89
N VAL A 107 -1.43 1.42 -28.34
CA VAL A 107 -2.56 1.86 -27.55
C VAL A 107 -3.66 0.81 -27.56
N TYR A 108 -3.89 0.15 -28.70
CA TYR A 108 -4.87 -0.93 -28.71
C TYR A 108 -4.47 -2.06 -27.77
N ILE A 109 -3.21 -2.49 -27.82
CA ILE A 109 -2.84 -3.61 -26.97
C ILE A 109 -2.92 -3.21 -25.50
N SER A 110 -2.57 -1.96 -25.20
CA SER A 110 -2.70 -1.50 -23.82
C SER A 110 -4.15 -1.50 -23.38
N LYS A 111 -5.04 -1.03 -24.25
CA LYS A 111 -6.47 -1.04 -23.90
C LYS A 111 -6.96 -2.45 -23.68
N ILE A 112 -6.52 -3.39 -24.51
CA ILE A 112 -6.91 -4.78 -24.33
C ILE A 112 -6.44 -5.30 -22.99
N ILE A 113 -5.18 -5.00 -22.63
CA ILE A 113 -4.66 -5.41 -21.33
C ILE A 113 -5.50 -4.82 -20.22
N SER A 114 -5.76 -3.52 -20.29
CA SER A 114 -6.61 -2.88 -19.30
C SER A 114 -8.06 -3.33 -19.39
N SER A 115 -8.45 -3.94 -20.50
CA SER A 115 -9.82 -4.45 -20.68
C SER A 115 -10.85 -3.35 -20.48
N ASP A 116 -10.56 -2.16 -21.00
CA ASP A 116 -11.48 -1.05 -20.87
C ASP A 116 -12.59 -1.15 -21.90
N ARG A 117 -13.63 -0.35 -21.69
CA ARG A 117 -14.80 -0.37 -22.53
C ARG A 117 -14.78 0.72 -23.60
N ASP A 118 -13.70 1.49 -23.69
CA ASP A 118 -13.64 2.60 -24.63
C ASP A 118 -13.63 2.09 -26.06
N LEU A 119 -14.36 2.78 -26.93
CA LEU A 119 -14.37 2.46 -28.35
C LEU A 119 -13.25 3.22 -29.04
N LEU A 120 -12.86 2.72 -30.21
CA LEU A 120 -11.73 3.28 -30.93
C LEU A 120 -11.94 3.14 -32.42
N ALA A 121 -11.26 4.01 -33.17
CA ALA A 121 -11.32 3.97 -34.63
C ALA A 121 -10.16 4.78 -35.18
N VAL A 122 -9.82 4.52 -36.43
CA VAL A 122 -8.68 5.14 -37.08
C VAL A 122 -9.11 5.63 -38.46
N VAL A 123 -8.69 6.84 -38.80
CA VAL A 123 -9.04 7.46 -40.08
C VAL A 123 -7.80 8.11 -40.66
N PHE A 124 -7.63 7.98 -41.97
CA PHE A 124 -6.52 8.60 -42.69
C PHE A 124 -7.03 9.62 -43.67
N TYR A 125 -6.23 10.67 -43.89
CA TYR A 125 -6.52 11.67 -44.90
C TYR A 125 -5.26 11.93 -45.71
N GLY A 126 -5.43 12.71 -46.79
CA GLY A 126 -4.37 12.83 -47.77
C GLY A 126 -4.22 11.61 -48.63
N THR A 127 -5.25 10.78 -48.70
CA THR A 127 -5.20 9.50 -49.39
C THR A 127 -5.49 9.67 -50.87
N GLU A 128 -4.78 8.89 -51.69
CA GLU A 128 -5.12 8.83 -53.11
C GLU A 128 -6.50 8.24 -53.31
N LYS A 129 -6.83 7.18 -52.59
CA LYS A 129 -8.14 6.54 -52.66
C LYS A 129 -8.85 6.72 -51.33
N ASP A 130 -10.07 7.23 -51.37
CA ASP A 130 -10.84 7.52 -50.17
C ASP A 130 -11.82 6.39 -49.87
N LYS A 131 -12.32 6.39 -48.63
CA LYS A 131 -13.40 5.49 -48.24
C LYS A 131 -14.04 6.06 -46.98
N ASN A 132 -15.28 6.52 -47.11
CA ASN A 132 -16.03 7.07 -45.99
C ASN A 132 -17.49 7.14 -46.38
N SER A 133 -18.35 7.18 -45.36
CA SER A 133 -19.79 7.18 -45.59
C SER A 133 -20.23 8.45 -46.33
N VAL A 134 -19.81 9.61 -45.82
CA VAL A 134 -20.26 10.88 -46.38
C VAL A 134 -19.57 11.21 -47.71
N ASN A 135 -18.56 10.42 -48.10
CA ASN A 135 -18.01 10.47 -49.46
C ASN A 135 -17.28 11.78 -49.75
N PHE A 136 -16.43 12.18 -48.83
CA PHE A 136 -15.44 13.21 -49.12
C PHE A 136 -14.18 12.56 -49.68
N LYS A 137 -13.52 13.26 -50.59
CA LYS A 137 -12.33 12.72 -51.22
C LYS A 137 -11.14 12.71 -50.26
N ASN A 138 -10.23 11.78 -50.50
CA ASN A 138 -8.95 11.70 -49.79
C ASN A 138 -9.14 11.46 -48.29
N ILE A 139 -10.26 10.84 -47.91
CA ILE A 139 -10.54 10.53 -46.51
C ILE A 139 -10.88 9.06 -46.42
N TYR A 140 -10.15 8.33 -45.59
CA TYR A 140 -10.30 6.89 -45.48
C TYR A 140 -10.69 6.54 -44.05
N VAL A 141 -11.95 6.17 -43.86
CA VAL A 141 -12.40 5.69 -42.56
C VAL A 141 -12.04 4.22 -42.47
N LEU A 142 -10.82 3.93 -42.02
CA LEU A 142 -10.36 2.55 -42.01
C LEU A 142 -11.10 1.72 -40.97
N GLN A 143 -11.51 2.33 -39.86
CA GLN A 143 -12.25 1.60 -38.85
C GLN A 143 -13.37 2.46 -38.31
N GLU A 144 -14.43 1.80 -37.86
CA GLU A 144 -15.51 2.46 -37.14
C GLU A 144 -15.25 2.35 -35.64
N LEU A 145 -15.91 3.22 -34.88
CA LEU A 145 -15.75 3.21 -33.44
C LEU A 145 -16.18 1.86 -32.88
N ASP A 146 -15.26 1.21 -32.18
CA ASP A 146 -15.51 -0.12 -31.67
C ASP A 146 -14.47 -0.48 -30.64
N ASN A 147 -14.77 -1.52 -29.87
CA ASN A 147 -13.77 -2.07 -28.97
C ASN A 147 -12.66 -2.72 -29.78
N PRO A 148 -11.45 -2.79 -29.23
CA PRO A 148 -10.34 -3.41 -29.96
C PRO A 148 -10.61 -4.88 -30.23
N GLY A 149 -10.14 -5.35 -31.37
CA GLY A 149 -10.29 -6.75 -31.74
C GLY A 149 -9.03 -7.25 -32.41
N ALA A 150 -8.81 -8.55 -32.30
CA ALA A 150 -7.58 -9.14 -32.83
C ALA A 150 -7.46 -8.89 -34.33
N LYS A 151 -8.58 -8.99 -35.05
CA LYS A 151 -8.56 -8.70 -36.48
C LYS A 151 -8.07 -7.28 -36.72
N ARG A 152 -8.51 -6.33 -35.89
CA ARG A 152 -8.04 -4.96 -36.01
C ARG A 152 -6.53 -4.86 -35.80
N ILE A 153 -6.01 -5.61 -34.82
CA ILE A 153 -4.59 -5.56 -34.55
C ILE A 153 -3.81 -6.10 -35.74
N LEU A 154 -4.26 -7.20 -36.31
CA LEU A 154 -3.60 -7.75 -37.49
C LEU A 154 -3.68 -6.76 -38.64
N GLU A 155 -4.82 -6.10 -38.80
CA GLU A 155 -4.97 -5.10 -39.83
C GLU A 155 -3.93 -4.00 -39.69
N LEU A 156 -3.73 -3.53 -38.46
CA LEU A 156 -2.71 -2.50 -38.23
C LEU A 156 -1.32 -3.04 -38.52
N ASP A 157 -1.00 -4.21 -37.97
CA ASP A 157 0.32 -4.78 -38.16
C ASP A 157 0.63 -5.01 -39.63
N GLN A 158 -0.40 -5.10 -40.46
CA GLN A 158 -0.19 -5.20 -41.90
C GLN A 158 0.53 -3.99 -42.46
N PHE A 159 0.57 -2.88 -41.74
CA PHE A 159 1.14 -1.65 -42.26
C PHE A 159 2.44 -1.22 -41.59
N LYS A 160 2.84 -1.87 -40.51
CA LYS A 160 4.08 -1.49 -39.86
C LYS A 160 5.29 -1.90 -40.70
N GLY A 161 6.42 -1.24 -40.44
CA GLY A 161 7.65 -1.52 -41.14
C GLY A 161 7.66 -0.94 -42.54
N GLN A 162 8.81 -1.05 -43.19
CA GLN A 162 8.94 -0.59 -44.57
C GLN A 162 8.03 -1.38 -45.50
N GLN A 163 7.94 -2.70 -45.28
CA GLN A 163 7.04 -3.51 -46.09
C GLN A 163 5.60 -3.08 -45.90
N GLY A 164 5.20 -2.81 -44.66
CA GLY A 164 3.85 -2.32 -44.43
C GLY A 164 3.63 -0.95 -45.04
N GLN A 165 4.66 -0.11 -45.05
CA GLN A 165 4.56 1.18 -45.72
C GLN A 165 4.32 1.01 -47.21
N LYS A 166 5.03 0.05 -47.82
CA LYS A 166 4.79 -0.24 -49.23
C LYS A 166 3.38 -0.77 -49.45
N ARG A 167 2.91 -1.63 -48.56
CA ARG A 167 1.53 -2.11 -48.65
C ARG A 167 0.55 -0.95 -48.60
N PHE A 168 0.79 0.00 -47.70
CA PHE A 168 -0.07 1.15 -47.56
C PHE A 168 -0.04 2.00 -48.82
N GLN A 169 1.14 2.17 -49.41
CA GLN A 169 1.24 2.89 -50.67
C GLN A 169 0.42 2.20 -51.75
N ASP A 170 0.53 0.88 -51.85
CA ASP A 170 -0.12 0.15 -52.93
C ASP A 170 -1.64 0.14 -52.77
N MET A 171 -2.12 -0.21 -51.58
CA MET A 171 -3.56 -0.33 -51.37
C MET A 171 -4.19 1.04 -51.18
N MET A 172 -3.66 1.82 -50.25
CA MET A 172 -4.19 3.14 -49.95
C MET A 172 -3.81 4.16 -51.02
N GLY A 173 -2.51 4.41 -51.19
CA GLY A 173 -2.08 5.50 -52.03
C GLY A 173 -2.11 6.81 -51.27
N HIS A 174 -1.03 7.57 -51.33
CA HIS A 174 -0.87 8.75 -50.51
C HIS A 174 -0.60 9.97 -51.38
N GLY A 175 -0.92 11.14 -50.83
CA GLY A 175 -0.66 12.39 -51.49
C GLY A 175 -1.86 12.91 -52.26
N SER A 176 -2.48 13.96 -51.74
CA SER A 176 -3.66 14.56 -52.35
C SER A 176 -4.09 15.79 -51.58
N ASP A 177 -4.77 16.72 -52.25
CA ASP A 177 -5.30 17.89 -51.57
C ASP A 177 -6.47 17.50 -50.69
N TYR A 178 -6.77 18.37 -49.71
CA TYR A 178 -7.85 18.12 -48.76
C TYR A 178 -8.08 19.39 -47.96
N SER A 179 -9.27 19.50 -47.39
CA SER A 179 -9.61 20.57 -46.47
C SER A 179 -9.82 19.95 -45.10
N LEU A 180 -9.11 20.46 -44.10
CA LEU A 180 -9.27 19.94 -42.74
C LEU A 180 -10.70 20.07 -42.27
N SER A 181 -11.42 21.06 -42.78
CA SER A 181 -12.81 21.26 -42.36
C SER A 181 -13.65 20.03 -42.68
N GLU A 182 -13.54 19.51 -43.90
CA GLU A 182 -14.31 18.32 -44.24
C GLU A 182 -13.84 17.10 -43.46
N VAL A 183 -12.54 17.03 -43.14
CA VAL A 183 -12.04 15.93 -42.34
C VAL A 183 -12.69 15.93 -40.96
N LEU A 184 -12.71 17.09 -40.32
CA LEU A 184 -13.38 17.22 -39.04
C LEU A 184 -14.87 16.96 -39.17
N TRP A 185 -15.46 17.34 -40.30
CA TRP A 185 -16.86 17.04 -40.54
C TRP A 185 -17.10 15.53 -40.55
N VAL A 186 -16.23 14.79 -41.24
CA VAL A 186 -16.34 13.33 -41.28
C VAL A 186 -16.20 12.76 -39.88
N CYS A 187 -15.24 13.27 -39.12
CA CYS A 187 -15.04 12.79 -37.75
C CYS A 187 -16.29 13.05 -36.90
N ALA A 188 -16.87 14.24 -37.04
CA ALA A 188 -18.08 14.56 -36.29
C ALA A 188 -19.21 13.62 -36.67
N ASN A 189 -19.34 13.32 -37.96
CA ASN A 189 -20.35 12.35 -38.39
C ASN A 189 -20.08 10.99 -37.74
N LEU A 190 -18.82 10.59 -37.69
CA LEU A 190 -18.48 9.29 -37.13
C LEU A 190 -18.85 9.21 -35.66
N PHE A 191 -18.58 10.28 -34.90
CA PHE A 191 -19.12 10.34 -33.54
C PHE A 191 -20.63 10.31 -33.53
N SER A 192 -21.27 11.02 -34.46
CA SER A 192 -22.72 11.00 -34.52
C SER A 192 -23.26 9.59 -34.72
N ASP A 193 -22.46 8.70 -35.29
CA ASP A 193 -22.90 7.34 -35.53
C ASP A 193 -23.01 6.52 -34.24
N VAL A 194 -22.54 7.05 -33.10
CA VAL A 194 -22.53 6.24 -31.88
C VAL A 194 -23.97 5.98 -31.43
N GLN A 195 -24.14 4.94 -30.62
CA GLN A 195 -25.42 4.59 -30.04
C GLN A 195 -25.42 4.66 -28.51
N PHE A 196 -24.36 4.20 -27.88
CA PHE A 196 -24.27 4.25 -26.43
C PHE A 196 -24.04 5.68 -25.96
N LYS A 197 -24.11 5.85 -24.64
CA LYS A 197 -23.78 7.16 -24.05
C LYS A 197 -22.28 7.34 -24.12
N MET A 198 -21.82 8.09 -25.12
CA MET A 198 -20.40 8.39 -25.28
C MET A 198 -20.00 9.39 -24.20
N SER A 199 -19.08 8.98 -23.32
CA SER A 199 -18.78 9.76 -22.13
C SER A 199 -17.89 10.97 -22.44
N HIS A 200 -16.89 10.79 -23.29
CA HIS A 200 -16.01 11.87 -23.68
C HIS A 200 -15.91 11.89 -25.20
N LYS A 201 -15.19 12.87 -25.71
CA LYS A 201 -15.12 13.08 -27.15
C LYS A 201 -13.72 13.58 -27.46
N ARG A 202 -12.84 12.67 -27.87
CA ARG A 202 -11.44 13.01 -28.08
C ARG A 202 -11.01 12.59 -29.47
N ILE A 203 -10.28 13.47 -30.14
CA ILE A 203 -9.69 13.20 -31.44
C ILE A 203 -8.23 13.60 -31.33
N MET A 204 -7.33 12.67 -31.64
CA MET A 204 -5.91 12.98 -31.61
C MET A 204 -5.35 12.94 -33.02
N LEU A 205 -4.65 14.00 -33.39
CA LEU A 205 -4.09 14.14 -34.72
C LEU A 205 -2.60 13.85 -34.69
N PHE A 206 -2.10 13.26 -35.77
CA PHE A 206 -0.69 12.96 -35.92
C PHE A 206 -0.21 13.63 -37.19
N THR A 207 0.78 14.50 -37.08
CA THR A 207 1.25 15.23 -38.25
C THR A 207 2.64 15.77 -37.99
N ASN A 208 3.28 16.20 -39.07
CA ASN A 208 4.49 17.00 -39.01
C ASN A 208 4.37 18.26 -39.87
N GLU A 209 3.17 18.56 -40.36
CA GLU A 209 2.91 19.75 -41.13
C GLU A 209 2.23 20.79 -40.25
N ASP A 210 2.83 21.99 -40.20
CA ASP A 210 2.32 23.04 -39.34
C ASP A 210 1.39 24.02 -40.04
N ASN A 211 1.43 24.08 -41.37
CA ASN A 211 0.57 24.98 -42.15
C ASN A 211 -0.11 24.16 -43.25
N PRO A 212 -1.14 23.40 -42.90
CA PRO A 212 -1.80 22.56 -43.92
C PRO A 212 -2.39 23.37 -45.06
N HIS A 213 -2.89 24.56 -44.78
CA HIS A 213 -3.58 25.38 -45.77
C HIS A 213 -2.78 26.64 -46.07
N GLY A 214 -1.47 26.50 -46.22
CA GLY A 214 -0.63 27.62 -46.60
C GLY A 214 -0.95 28.17 -47.97
N ASN A 215 -1.68 27.43 -48.79
CA ASN A 215 -2.07 27.87 -50.12
C ASN A 215 -3.58 28.09 -50.26
N ASP A 216 -4.37 27.69 -49.26
CA ASP A 216 -5.83 27.81 -49.32
C ASP A 216 -6.30 28.50 -48.04
N SER A 217 -6.35 29.84 -48.08
CA SER A 217 -6.79 30.60 -46.92
C SER A 217 -8.24 30.29 -46.56
N ALA A 218 -9.10 30.12 -47.57
CA ALA A 218 -10.48 29.76 -47.31
C ALA A 218 -10.58 28.42 -46.60
N LYS A 219 -9.75 27.46 -47.02
CA LYS A 219 -9.71 26.18 -46.34
C LYS A 219 -9.30 26.36 -44.88
N ALA A 220 -8.30 27.21 -44.63
CA ALA A 220 -7.85 27.44 -43.26
C ALA A 220 -8.96 28.06 -42.42
N SER A 221 -9.68 29.04 -42.97
CA SER A 221 -10.77 29.67 -42.23
C SER A 221 -11.89 28.69 -41.95
N ARG A 222 -12.25 27.87 -42.94
CA ARG A 222 -13.28 26.87 -42.73
C ARG A 222 -12.87 25.86 -41.66
N ALA A 223 -11.60 25.45 -41.69
CA ALA A 223 -11.10 24.56 -40.65
C ALA A 223 -11.17 25.23 -39.29
N ARG A 224 -10.84 26.52 -39.23
CA ARG A 224 -10.90 27.26 -37.98
C ARG A 224 -12.31 27.26 -37.42
N THR A 225 -13.28 27.62 -38.25
CA THR A 225 -14.66 27.70 -37.75
C THR A 225 -15.19 26.32 -37.41
N LYS A 226 -14.83 25.29 -38.18
CA LYS A 226 -15.26 23.94 -37.86
C LYS A 226 -14.68 23.50 -36.52
N ALA A 227 -13.40 23.78 -36.28
CA ALA A 227 -12.80 23.42 -35.00
C ALA A 227 -13.46 24.16 -33.86
N GLY A 228 -13.76 25.44 -34.05
CA GLY A 228 -14.45 26.19 -33.02
C GLY A 228 -15.80 25.60 -32.69
N ASP A 229 -16.57 25.26 -33.72
CA ASP A 229 -17.86 24.63 -33.51
C ASP A 229 -17.73 23.31 -32.78
N LEU A 230 -16.80 22.46 -33.23
CA LEU A 230 -16.66 21.14 -32.65
C LEU A 230 -16.22 21.22 -31.19
N ARG A 231 -15.30 22.12 -30.88
CA ARG A 231 -14.97 22.35 -29.48
C ARG A 231 -16.18 22.83 -28.71
N ASP A 232 -16.95 23.74 -29.30
CA ASP A 232 -18.23 24.11 -28.71
C ASP A 232 -19.19 22.92 -28.71
N THR A 233 -19.05 22.02 -29.67
CA THR A 233 -19.91 20.84 -29.70
C THR A 233 -19.61 19.88 -28.56
N GLY A 234 -18.37 19.86 -28.07
CA GLY A 234 -17.99 18.97 -27.00
C GLY A 234 -16.85 18.03 -27.32
N ILE A 235 -16.27 18.12 -28.51
CA ILE A 235 -15.15 17.29 -28.90
C ILE A 235 -13.90 17.86 -28.23
N PHE A 236 -12.87 17.03 -28.09
CA PHE A 236 -11.54 17.49 -27.77
C PHE A 236 -10.59 17.03 -28.86
N LEU A 237 -9.87 17.98 -29.46
CA LEU A 237 -8.86 17.65 -30.46
C LEU A 237 -7.48 17.90 -29.87
N ASP A 238 -6.61 16.92 -29.99
CA ASP A 238 -5.25 16.99 -29.49
C ASP A 238 -4.29 16.71 -30.63
N LEU A 239 -3.24 17.51 -30.71
CA LEU A 239 -2.31 17.46 -31.84
C LEU A 239 -1.00 16.87 -31.38
N MET A 240 -0.64 15.71 -31.92
CA MET A 240 0.64 15.08 -31.66
C MET A 240 1.55 15.39 -32.86
N HIS A 241 2.25 16.52 -32.76
CA HIS A 241 3.16 16.90 -33.82
C HIS A 241 4.41 16.03 -33.79
N LEU A 242 5.07 15.93 -34.94
CA LEU A 242 6.22 15.06 -35.09
C LEU A 242 7.46 15.87 -35.44
N LYS A 243 8.62 15.27 -35.15
CA LYS A 243 9.88 15.89 -35.54
C LYS A 243 9.93 16.08 -37.05
N LYS A 244 10.28 17.28 -37.48
CA LYS A 244 10.32 17.61 -38.89
C LYS A 244 11.57 18.46 -39.15
N PRO A 245 12.03 18.49 -40.39
CA PRO A 245 13.11 19.43 -40.73
C PRO A 245 12.64 20.88 -40.58
N GLY A 246 13.24 21.60 -39.62
CA GLY A 246 12.85 22.96 -39.32
C GLY A 246 12.12 23.11 -38.00
N GLY A 247 11.47 22.04 -37.53
CA GLY A 247 10.82 22.06 -36.25
C GLY A 247 9.36 22.47 -36.30
N PHE A 248 8.50 21.63 -35.75
CA PHE A 248 7.08 21.95 -35.68
C PHE A 248 6.82 23.09 -34.72
N ASP A 249 5.83 23.91 -35.03
CA ASP A 249 5.41 25.00 -34.15
C ASP A 249 3.90 25.14 -34.25
N ILE A 250 3.19 24.84 -33.17
CA ILE A 250 1.74 24.92 -33.14
C ILE A 250 1.24 26.34 -33.30
N SER A 251 2.11 27.33 -33.11
CA SER A 251 1.69 28.72 -33.13
C SER A 251 1.15 29.13 -34.49
N LEU A 252 1.73 28.62 -35.57
CA LEU A 252 1.40 29.11 -36.90
C LEU A 252 -0.07 28.96 -37.22
N PHE A 253 -0.60 27.77 -37.04
CA PHE A 253 -1.98 27.57 -37.46
C PHE A 253 -2.86 26.96 -36.38
N TYR A 254 -2.34 26.04 -35.58
CA TYR A 254 -3.18 25.28 -34.67
C TYR A 254 -3.39 25.96 -33.33
N ARG A 255 -2.76 27.11 -33.10
CA ARG A 255 -2.90 27.78 -31.81
C ARG A 255 -4.36 28.01 -31.46
N ASP A 256 -5.17 28.40 -32.44
CA ASP A 256 -6.61 28.55 -32.25
C ASP A 256 -7.38 27.29 -32.61
N ILE A 257 -6.71 26.27 -33.13
CA ILE A 257 -7.37 25.05 -33.57
C ILE A 257 -7.48 24.03 -32.45
N ILE A 258 -6.37 23.80 -31.74
CA ILE A 258 -6.34 22.75 -30.74
C ILE A 258 -7.32 23.04 -29.61
N SER A 259 -7.65 21.99 -28.86
CA SER A 259 -8.55 22.11 -27.72
C SER A 259 -7.74 22.55 -26.51
N ILE A 260 -7.37 23.83 -26.51
CA ILE A 260 -6.63 24.40 -25.40
C ILE A 260 -7.49 24.38 -24.16
N ALA A 261 -6.97 23.80 -23.08
CA ALA A 261 -7.71 23.72 -21.83
C ALA A 261 -7.94 25.11 -21.27
N GLU A 262 -9.21 25.48 -21.10
CA GLU A 262 -9.54 26.79 -20.55
C GLU A 262 -9.18 26.92 -19.08
N ASP A 263 -8.87 25.80 -18.40
CA ASP A 263 -8.54 25.87 -16.98
C ASP A 263 -7.27 26.68 -16.75
N GLU A 264 -6.33 26.63 -17.69
CA GLU A 264 -5.06 27.30 -17.52
C GLU A 264 -4.43 27.54 -18.89
N ASP A 265 -3.50 28.49 -18.92
CA ASP A 265 -2.84 28.87 -20.17
C ASP A 265 -1.85 27.77 -20.57
N LEU A 266 -2.15 27.06 -21.65
CA LEU A 266 -1.29 25.98 -22.11
C LEU A 266 -0.17 26.50 -22.99
N ARG A 267 0.57 27.51 -22.53
CA ARG A 267 1.84 27.83 -23.17
C ARG A 267 2.81 26.66 -23.05
N VAL A 268 2.84 26.03 -21.87
CA VAL A 268 3.54 24.75 -21.73
C VAL A 268 2.78 23.71 -22.55
N HIS A 269 3.51 22.96 -23.37
CA HIS A 269 2.90 22.00 -24.27
C HIS A 269 3.96 20.98 -24.66
N PHE A 270 3.49 19.84 -25.16
CA PHE A 270 4.40 18.78 -25.55
C PHE A 270 5.29 19.23 -26.69
N GLU A 271 6.52 18.74 -26.70
CA GLU A 271 7.49 19.12 -27.71
C GLU A 271 7.42 18.18 -28.90
N GLU A 272 8.24 18.45 -29.92
CA GLU A 272 8.24 17.63 -31.12
C GLU A 272 8.60 16.20 -30.78
N SER A 273 7.83 15.27 -31.31
CA SER A 273 8.01 13.85 -31.03
C SER A 273 9.04 13.27 -31.99
N SER A 274 10.04 12.60 -31.44
CA SER A 274 11.08 11.98 -32.25
C SER A 274 11.26 10.51 -31.93
N LYS A 275 11.15 10.11 -30.68
CA LYS A 275 11.33 8.73 -30.27
C LYS A 275 9.99 8.06 -30.09
N LEU A 276 9.91 6.80 -30.50
CA LEU A 276 8.65 6.07 -30.38
C LEU A 276 8.21 5.97 -28.93
N GLU A 277 9.14 5.69 -28.02
CA GLU A 277 8.79 5.62 -26.61
C GLU A 277 8.28 6.97 -26.11
N ASP A 278 8.94 8.06 -26.51
CA ASP A 278 8.54 9.38 -26.04
C ASP A 278 7.13 9.72 -26.48
N LEU A 279 6.86 9.60 -27.78
CA LEU A 279 5.52 9.91 -28.28
C LEU A 279 4.50 8.95 -27.70
N LEU A 280 4.90 7.72 -27.43
CA LEU A 280 3.99 6.78 -26.80
C LEU A 280 3.60 7.26 -25.41
N ARG A 281 4.57 7.72 -24.64
CA ARG A 281 4.27 8.29 -23.34
C ARG A 281 3.33 9.48 -23.49
N LYS A 282 3.62 10.36 -24.46
CA LYS A 282 2.80 11.53 -24.68
C LYS A 282 1.35 11.15 -24.93
N VAL A 283 1.14 10.25 -25.89
CA VAL A 283 -0.22 9.89 -26.28
C VAL A 283 -0.93 9.18 -25.13
N ARG A 284 -0.26 8.26 -24.45
CA ARG A 284 -0.92 7.53 -23.38
C ARG A 284 -1.31 8.47 -22.25
N ALA A 285 -0.43 9.42 -21.92
CA ALA A 285 -0.77 10.39 -20.89
C ALA A 285 -1.96 11.25 -21.34
N LYS A 286 -1.98 11.66 -22.61
CA LYS A 286 -3.02 12.56 -23.06
C LYS A 286 -4.38 11.87 -23.10
N GLU A 287 -4.43 10.62 -23.57
CA GLU A 287 -5.70 10.04 -23.97
C GLU A 287 -6.61 9.75 -22.78
N THR A 288 -6.06 9.22 -21.70
CA THR A 288 -6.91 8.66 -20.66
C THR A 288 -7.56 9.77 -19.84
N ARG A 289 -8.63 9.40 -19.15
CA ARG A 289 -9.35 10.30 -18.27
C ARG A 289 -9.08 9.92 -16.82
N LYS A 290 -8.95 10.92 -15.98
CA LYS A 290 -8.76 10.66 -14.56
C LYS A 290 -9.96 9.90 -14.02
N ARG A 291 -9.69 8.82 -13.30
CA ARG A 291 -10.72 7.97 -12.73
C ARG A 291 -10.64 8.12 -11.21
N ALA A 292 -11.38 9.09 -10.68
CA ALA A 292 -11.34 9.38 -9.26
C ALA A 292 -11.74 8.15 -8.46
N LEU A 293 -10.80 7.59 -7.70
CA LEU A 293 -11.13 6.44 -6.86
C LEU A 293 -12.15 6.82 -5.80
N SER A 294 -11.97 7.96 -5.17
CA SER A 294 -12.93 8.44 -4.18
C SER A 294 -12.76 9.94 -4.04
N ARG A 295 -13.82 10.59 -3.54
CA ARG A 295 -13.83 12.03 -3.33
C ARG A 295 -14.22 12.25 -1.88
N LEU A 296 -13.22 12.43 -1.02
CA LEU A 296 -13.44 12.55 0.40
C LEU A 296 -13.36 14.00 0.83
N LYS A 297 -13.43 14.22 2.13
CA LYS A 297 -13.33 15.55 2.72
C LYS A 297 -12.14 15.58 3.66
N LEU A 298 -11.23 16.52 3.43
CA LEU A 298 -10.08 16.69 4.31
C LEU A 298 -10.48 17.69 5.39
N LYS A 299 -10.63 17.20 6.62
CA LYS A 299 -11.10 18.02 7.72
C LYS A 299 -9.89 18.51 8.52
N LEU A 300 -9.57 19.79 8.40
CA LEU A 300 -8.58 20.39 9.27
C LEU A 300 -9.06 20.36 10.72
N ASN A 301 -10.33 20.66 10.94
CA ASN A 301 -10.96 20.54 12.24
C ASN A 301 -12.44 20.27 12.01
N LYS A 302 -13.26 20.47 13.03
CA LYS A 302 -14.70 20.36 12.84
C LYS A 302 -15.24 21.40 11.90
N ASP A 303 -14.50 22.49 11.68
CA ASP A 303 -15.00 23.62 10.91
C ASP A 303 -14.38 23.69 9.51
N ILE A 304 -13.06 23.75 9.43
CA ILE A 304 -12.38 23.86 8.15
C ILE A 304 -12.39 22.50 7.48
N VAL A 305 -12.87 22.46 6.24
CA VAL A 305 -12.95 21.22 5.47
C VAL A 305 -12.79 21.54 4.01
N ILE A 306 -12.10 20.66 3.28
CA ILE A 306 -11.88 20.81 1.85
C ILE A 306 -12.13 19.47 1.19
N SER A 307 -12.32 19.51 -0.12
CA SER A 307 -12.66 18.34 -0.90
C SER A 307 -11.49 17.97 -1.80
N VAL A 308 -11.06 16.70 -1.73
CA VAL A 308 -9.94 16.22 -2.50
C VAL A 308 -10.35 14.93 -3.19
N GLY A 309 -9.62 14.59 -4.26
CA GLY A 309 -9.90 13.39 -4.99
C GLY A 309 -8.77 12.38 -4.91
N ILE A 310 -9.02 11.29 -4.21
CA ILE A 310 -7.99 10.26 -4.03
C ILE A 310 -7.86 9.46 -5.31
N TYR A 311 -6.68 9.51 -5.91
CA TYR A 311 -6.38 8.73 -7.11
C TYR A 311 -5.26 7.77 -6.81
N ASN A 312 -5.23 6.65 -7.54
CA ASN A 312 -4.16 5.68 -7.44
C ASN A 312 -3.40 5.65 -8.75
N LEU A 313 -2.10 5.87 -8.69
CA LEU A 313 -1.28 5.88 -9.89
C LEU A 313 -0.70 4.53 -10.23
N VAL A 314 -0.70 3.59 -9.29
CA VAL A 314 -0.26 2.23 -9.53
C VAL A 314 -1.37 1.29 -9.11
N GLN A 315 -1.50 0.19 -9.83
CA GLN A 315 -2.55 -0.78 -9.55
C GLN A 315 -2.17 -2.09 -10.20
N LYS A 316 -1.99 -3.13 -9.39
CA LYS A 316 -1.55 -4.42 -9.91
C LYS A 316 -2.56 -4.95 -10.91
N ALA A 317 -2.17 -4.99 -12.17
CA ALA A 317 -3.05 -5.45 -13.23
C ALA A 317 -3.10 -6.97 -13.17
N LEU A 318 -4.08 -7.49 -12.44
CA LEU A 318 -4.27 -8.92 -12.38
C LEU A 318 -4.71 -9.47 -13.72
N LYS A 319 -4.38 -10.73 -13.96
CA LYS A 319 -4.86 -11.39 -15.16
C LYS A 319 -6.38 -11.40 -15.16
N PRO A 320 -7.04 -11.01 -16.25
CA PRO A 320 -8.49 -10.97 -16.27
C PRO A 320 -9.07 -12.34 -15.99
N PRO A 321 -10.12 -12.42 -15.18
CA PRO A 321 -10.67 -13.72 -14.82
C PRO A 321 -11.30 -14.38 -16.03
N PRO A 322 -11.23 -15.70 -16.13
CA PRO A 322 -11.93 -16.39 -17.21
C PRO A 322 -13.43 -16.36 -16.98
N ILE A 323 -14.16 -16.58 -18.06
CA ILE A 323 -15.61 -16.66 -18.00
C ILE A 323 -16.05 -17.97 -18.63
N LYS A 324 -17.16 -18.50 -18.13
CA LYS A 324 -17.67 -19.76 -18.65
C LYS A 324 -18.33 -19.54 -20.00
N LEU A 325 -18.26 -20.57 -20.84
CA LEU A 325 -18.83 -20.50 -22.18
C LEU A 325 -19.58 -21.79 -22.46
N TYR A 326 -20.59 -21.68 -23.32
CA TYR A 326 -21.28 -22.88 -23.78
C TYR A 326 -20.32 -23.77 -24.55
N ARG A 327 -20.45 -25.08 -24.37
CA ARG A 327 -19.48 -26.01 -24.92
C ARG A 327 -19.43 -25.93 -26.44
N GLU A 328 -20.59 -25.83 -27.09
CA GLU A 328 -20.66 -25.81 -28.55
C GLU A 328 -20.80 -24.39 -29.10
N THR A 329 -21.84 -23.68 -28.70
CA THR A 329 -22.11 -22.36 -29.24
C THR A 329 -21.12 -21.30 -28.76
N ASN A 330 -20.36 -21.59 -27.71
CA ASN A 330 -19.39 -20.65 -27.16
C ASN A 330 -20.06 -19.36 -26.70
N GLU A 331 -21.35 -19.42 -26.44
CA GLU A 331 -22.06 -18.25 -25.97
C GLU A 331 -21.60 -17.88 -24.57
N PRO A 332 -21.43 -16.59 -24.29
CA PRO A 332 -21.21 -16.16 -22.90
C PRO A 332 -22.38 -16.58 -22.04
N VAL A 333 -22.16 -17.53 -21.15
CA VAL A 333 -23.22 -18.05 -20.33
C VAL A 333 -23.31 -17.23 -19.05
N LYS A 334 -24.45 -17.32 -18.39
CA LYS A 334 -24.71 -16.52 -17.20
C LYS A 334 -25.32 -17.42 -16.13
N THR A 335 -24.82 -17.29 -14.90
CA THR A 335 -25.41 -18.04 -13.80
C THR A 335 -26.86 -17.60 -13.58
N LYS A 336 -27.08 -16.29 -13.42
CA LYS A 336 -28.41 -15.73 -13.18
C LYS A 336 -29.17 -16.50 -12.11
N THR A 337 -28.45 -17.01 -11.11
CA THR A 337 -29.08 -17.85 -10.10
C THR A 337 -28.19 -17.93 -8.88
N ARG A 338 -28.77 -17.66 -7.72
CA ARG A 338 -28.16 -17.81 -6.41
C ARG A 338 -29.11 -18.53 -5.48
N THR A 339 -29.61 -19.68 -5.95
CA THR A 339 -30.69 -20.38 -5.27
C THR A 339 -30.35 -20.72 -3.83
N PHE A 340 -31.31 -20.51 -2.94
CA PHE A 340 -31.15 -20.84 -1.53
C PHE A 340 -31.40 -22.33 -1.32
N ASN A 341 -31.53 -22.72 -0.07
CA ASN A 341 -31.80 -24.10 0.31
C ASN A 341 -33.20 -24.20 0.94
N THR A 342 -33.51 -25.38 1.45
CA THR A 342 -34.70 -25.58 2.25
C THR A 342 -34.55 -25.05 3.66
N SER A 343 -33.49 -24.27 3.91
CA SER A 343 -33.33 -23.62 5.21
C SER A 343 -34.58 -22.83 5.58
N THR A 344 -35.05 -21.99 4.65
CA THR A 344 -36.37 -21.40 4.74
C THR A 344 -37.31 -21.96 3.67
N GLY A 345 -36.80 -22.79 2.77
CA GLY A 345 -37.62 -23.38 1.73
C GLY A 345 -37.47 -22.64 0.41
N GLY A 346 -36.62 -23.15 -0.47
CA GLY A 346 -36.41 -22.52 -1.76
C GLY A 346 -35.61 -21.24 -1.67
N LEU A 347 -36.12 -20.29 -0.90
CA LEU A 347 -35.49 -18.99 -0.69
C LEU A 347 -35.16 -18.83 0.80
N LEU A 348 -34.72 -17.63 1.17
CA LEU A 348 -34.49 -17.32 2.57
C LEU A 348 -34.41 -15.80 2.72
N LEU A 349 -35.05 -15.29 3.76
CA LEU A 349 -35.04 -13.86 4.05
C LEU A 349 -33.72 -13.47 4.71
N PRO A 350 -33.09 -12.38 4.27
CA PRO A 350 -31.81 -11.98 4.88
C PRO A 350 -31.93 -11.65 6.36
N SER A 351 -33.09 -11.13 6.80
CA SER A 351 -33.27 -10.81 8.21
C SER A 351 -33.17 -12.04 9.10
N ASP A 352 -33.34 -13.23 8.54
CA ASP A 352 -33.28 -14.47 9.28
C ASP A 352 -31.85 -14.99 9.39
N THR A 353 -30.86 -14.18 9.04
CA THR A 353 -29.48 -14.61 8.91
C THR A 353 -28.62 -13.83 9.91
N LYS A 354 -28.48 -14.37 11.11
CA LYS A 354 -27.59 -13.78 12.08
C LYS A 354 -26.16 -14.26 11.86
N ARG A 355 -25.21 -13.43 12.28
CA ARG A 355 -23.79 -13.72 12.10
C ARG A 355 -23.20 -14.19 13.42
N SER A 356 -22.35 -15.20 13.35
CA SER A 356 -21.82 -15.80 14.56
C SER A 356 -20.40 -16.26 14.34
N GLN A 357 -19.68 -16.44 15.43
CA GLN A 357 -18.35 -17.00 15.42
C GLN A 357 -18.20 -17.88 16.66
N ILE A 358 -17.28 -18.85 16.57
CA ILE A 358 -17.13 -19.86 17.61
C ILE A 358 -15.74 -19.74 18.20
N TYR A 359 -15.64 -19.87 19.52
CA TYR A 359 -14.35 -19.83 20.21
C TYR A 359 -14.39 -20.84 21.34
N GLY A 360 -13.46 -21.78 21.31
CA GLY A 360 -13.50 -22.88 22.24
C GLY A 360 -14.82 -23.61 22.10
N SER A 361 -15.48 -23.85 23.23
CA SER A 361 -16.83 -24.39 23.24
C SER A 361 -17.88 -23.31 23.23
N ARG A 362 -17.47 -22.04 23.16
CA ARG A 362 -18.40 -20.92 23.25
C ARG A 362 -18.75 -20.42 21.86
N GLN A 363 -20.02 -20.05 21.69
CA GLN A 363 -20.52 -19.45 20.47
C GLN A 363 -20.98 -18.04 20.76
N ILE A 364 -20.63 -17.10 19.89
CA ILE A 364 -21.06 -15.72 20.00
C ILE A 364 -21.77 -15.35 18.71
N ILE A 365 -22.94 -14.73 18.83
CA ILE A 365 -23.82 -14.47 17.70
C ILE A 365 -24.19 -12.99 17.67
N LEU A 366 -24.08 -12.38 16.51
CA LEU A 366 -24.34 -10.95 16.33
C LEU A 366 -25.22 -10.73 15.12
N GLU A 367 -25.84 -9.55 15.08
CA GLU A 367 -26.56 -9.13 13.89
C GLU A 367 -25.61 -8.52 12.88
N LYS A 368 -26.01 -8.55 11.61
CA LYS A 368 -25.19 -7.96 10.57
C LYS A 368 -24.96 -6.47 10.82
N GLU A 369 -26.02 -5.77 11.23
CA GLU A 369 -25.85 -4.37 11.61
C GLU A 369 -24.90 -4.23 12.78
N GLU A 370 -24.98 -5.14 13.76
CA GLU A 370 -24.01 -5.14 14.84
C GLU A 370 -22.60 -5.31 14.31
N THR A 371 -22.44 -6.23 13.35
CA THR A 371 -21.12 -6.45 12.77
C THR A 371 -20.60 -5.17 12.12
N GLU A 372 -21.45 -4.47 11.39
CA GLU A 372 -21.06 -3.20 10.81
C GLU A 372 -20.77 -2.15 11.87
N GLU A 373 -21.36 -2.28 13.05
CA GLU A 373 -21.21 -1.27 14.08
C GLU A 373 -19.84 -1.27 14.73
N LEU A 374 -19.29 -2.43 15.04
CA LEU A 374 -18.03 -2.48 15.76
C LEU A 374 -16.85 -2.00 14.94
N LYS A 375 -17.00 -1.86 13.62
CA LYS A 375 -15.97 -1.31 12.77
C LYS A 375 -16.16 0.18 12.52
N ARG A 376 -17.06 0.82 13.25
CA ARG A 376 -17.34 2.23 13.05
C ARG A 376 -16.45 3.06 13.97
N PHE A 377 -15.68 3.98 13.38
CA PHE A 377 -14.86 4.89 14.16
C PHE A 377 -15.19 6.35 13.90
N ASP A 378 -15.31 6.74 12.65
CA ASP A 378 -15.54 8.14 12.30
C ASP A 378 -16.04 8.21 10.87
N ASP A 379 -16.52 9.38 10.48
CA ASP A 379 -17.01 9.56 9.13
C ASP A 379 -15.86 9.40 8.13
N PRO A 380 -16.14 8.90 6.93
CA PRO A 380 -15.09 8.76 5.94
C PRO A 380 -14.50 10.11 5.60
N GLY A 381 -13.21 10.12 5.35
CA GLY A 381 -12.49 11.33 5.01
C GLY A 381 -11.18 11.38 5.73
N LEU A 382 -10.49 12.51 5.58
CA LEU A 382 -9.17 12.72 6.15
C LEU A 382 -9.27 13.81 7.21
N MET A 383 -8.85 13.50 8.43
CA MET A 383 -8.70 14.51 9.45
C MET A 383 -7.23 14.62 9.83
N LEU A 384 -6.76 15.85 9.94
CA LEU A 384 -5.35 16.12 10.14
C LEU A 384 -5.03 16.19 11.63
N MET A 385 -3.97 15.51 12.04
CA MET A 385 -3.51 15.60 13.42
C MET A 385 -2.29 16.50 13.59
N GLY A 386 -1.36 16.49 12.64
CA GLY A 386 -0.19 17.33 12.79
C GLY A 386 0.76 17.17 11.62
N PHE A 387 1.89 17.86 11.73
CA PHE A 387 2.90 17.88 10.69
C PHE A 387 4.20 17.33 11.23
N LYS A 388 4.92 16.61 10.39
CA LYS A 388 6.11 15.90 10.80
C LYS A 388 7.19 16.06 9.73
N PRO A 389 8.43 16.29 10.12
CA PRO A 389 9.52 16.37 9.13
C PRO A 389 9.68 15.04 8.40
N LEU A 390 9.99 15.13 7.11
CA LEU A 390 10.12 13.91 6.26
C LEU A 390 11.25 13.00 6.79
N VAL A 391 12.22 13.58 7.50
CA VAL A 391 13.38 12.78 7.99
C VAL A 391 12.88 11.71 8.96
N LEU A 392 11.96 12.07 9.86
CA LEU A 392 11.43 11.13 10.87
C LEU A 392 10.65 10.02 10.16
N LEU A 393 9.98 10.35 9.06
CA LEU A 393 9.24 9.32 8.28
C LEU A 393 10.23 8.41 7.54
N LYS A 394 9.90 7.12 7.39
CA LYS A 394 10.84 6.17 6.75
C LYS A 394 10.30 5.71 5.39
N LYS A 395 11.18 5.18 4.55
CA LYS A 395 10.74 4.65 3.23
C LYS A 395 10.62 3.13 3.35
N HIS A 396 11.42 2.50 4.23
CA HIS A 396 11.40 1.02 4.32
C HIS A 396 10.13 0.59 5.05
N HIS A 397 9.39 1.54 5.64
CA HIS A 397 8.13 1.20 6.29
C HIS A 397 6.98 1.19 5.29
N TYR A 398 7.14 0.46 4.20
CA TYR A 398 6.08 0.37 3.20
C TYR A 398 5.03 -0.62 3.65
N LEU A 399 3.77 -0.29 3.38
CA LEU A 399 2.66 -1.16 3.78
C LEU A 399 1.81 -1.61 2.60
N ARG A 400 1.44 -0.69 1.73
CA ARG A 400 0.56 -0.98 0.60
C ARG A 400 0.73 0.11 -0.43
N PRO A 401 0.30 -0.10 -1.66
CA PRO A 401 0.55 0.89 -2.71
C PRO A 401 0.04 2.27 -2.30
N SER A 402 0.89 3.27 -2.50
CA SER A 402 0.55 4.62 -2.12
C SER A 402 -0.52 5.18 -3.04
N LEU A 403 -1.22 6.20 -2.55
CA LEU A 403 -2.24 6.88 -3.32
C LEU A 403 -1.83 8.33 -3.54
N PHE A 404 -2.57 9.00 -4.42
CA PHE A 404 -2.28 10.37 -4.77
C PHE A 404 -3.50 11.23 -4.47
N VAL A 405 -3.24 12.46 -4.04
CA VAL A 405 -4.28 13.37 -3.58
C VAL A 405 -4.20 14.65 -4.41
N TYR A 406 -5.36 15.14 -4.84
CA TYR A 406 -5.45 16.35 -5.63
C TYR A 406 -6.66 17.13 -5.16
N PRO A 407 -6.60 18.45 -5.16
CA PRO A 407 -7.75 19.24 -4.73
C PRO A 407 -8.93 19.06 -5.67
N GLU A 408 -10.12 19.22 -5.13
CA GLU A 408 -11.37 18.97 -5.85
C GLU A 408 -12.35 20.08 -5.50
N GLU A 409 -12.40 21.13 -6.33
CA GLU A 409 -13.30 22.24 -6.05
C GLU A 409 -14.70 22.03 -6.61
N SER A 410 -14.99 20.88 -7.20
CA SER A 410 -16.37 20.63 -7.62
C SER A 410 -17.32 20.51 -6.44
N LEU A 411 -16.81 20.37 -5.22
CA LEU A 411 -17.65 20.24 -4.04
C LEU A 411 -17.60 21.48 -3.15
N VAL A 412 -16.41 21.95 -2.80
CA VAL A 412 -16.24 23.13 -1.96
C VAL A 412 -15.43 24.16 -2.74
N ILE A 413 -15.90 25.39 -2.73
CA ILE A 413 -15.27 26.45 -3.51
C ILE A 413 -14.09 27.00 -2.74
N GLY A 414 -13.04 27.37 -3.47
CA GLY A 414 -11.84 27.89 -2.86
C GLY A 414 -10.91 26.84 -2.30
N SER A 415 -11.25 25.56 -2.44
CA SER A 415 -10.43 24.52 -1.86
C SER A 415 -9.03 24.50 -2.44
N SER A 416 -8.92 24.64 -3.77
CA SER A 416 -7.62 24.50 -4.41
C SER A 416 -6.66 25.58 -3.94
N THR A 417 -7.17 26.77 -3.60
CA THR A 417 -6.30 27.83 -3.11
C THR A 417 -5.60 27.41 -1.83
N LEU A 418 -6.38 26.97 -0.85
CA LEU A 418 -5.81 26.51 0.41
C LEU A 418 -4.90 25.31 0.18
N PHE A 419 -5.32 24.40 -0.68
CA PHE A 419 -4.51 23.23 -0.99
C PHE A 419 -3.13 23.65 -1.49
N SER A 420 -3.11 24.56 -2.45
CA SER A 420 -1.85 24.99 -3.05
C SER A 420 -0.97 25.71 -2.04
N ALA A 421 -1.57 26.60 -1.24
CA ALA A 421 -0.77 27.30 -0.24
C ALA A 421 -0.15 26.32 0.73
N LEU A 422 -0.95 25.36 1.19
CA LEU A 422 -0.45 24.37 2.15
C LEU A 422 0.65 23.53 1.53
N LEU A 423 0.48 23.14 0.26
CA LEU A 423 1.51 22.37 -0.42
C LEU A 423 2.81 23.15 -0.51
N ILE A 424 2.73 24.43 -0.87
CA ILE A 424 3.93 25.25 -1.01
C ILE A 424 4.64 25.35 0.32
N LYS A 425 3.88 25.61 1.39
CA LYS A 425 4.52 25.76 2.70
C LYS A 425 5.13 24.46 3.17
N CYS A 426 4.46 23.33 2.94
CA CYS A 426 5.03 22.05 3.32
C CYS A 426 6.33 21.78 2.57
N LEU A 427 6.35 22.08 1.28
CA LEU A 427 7.59 21.91 0.52
C LEU A 427 8.68 22.80 1.06
N GLU A 428 8.35 24.04 1.43
CA GLU A 428 9.34 24.93 1.99
C GLU A 428 9.90 24.40 3.30
N LYS A 429 9.03 23.87 4.15
CA LYS A 429 9.46 23.38 5.46
C LYS A 429 9.97 21.95 5.42
N GLU A 430 9.85 21.26 4.29
CA GLU A 430 10.28 19.88 4.15
C GLU A 430 9.65 18.99 5.23
N VAL A 431 8.33 19.13 5.37
CA VAL A 431 7.57 18.36 6.34
C VAL A 431 6.32 17.82 5.67
N ALA A 432 5.78 16.75 6.25
CA ALA A 432 4.61 16.08 5.72
C ALA A 432 3.47 16.12 6.73
N ALA A 433 2.25 16.12 6.20
CA ALA A 433 1.07 16.11 7.05
C ALA A 433 0.71 14.69 7.43
N LEU A 434 0.20 14.53 8.64
CA LEU A 434 -0.14 13.23 9.21
C LEU A 434 -1.64 13.19 9.48
N CYS A 435 -2.35 12.33 8.76
CA CYS A 435 -3.80 12.33 8.80
C CYS A 435 -4.33 10.93 9.05
N ARG A 436 -5.58 10.87 9.53
CA ARG A 436 -6.26 9.63 9.89
C ARG A 436 -7.20 9.28 8.74
N TYR A 437 -6.78 8.32 7.92
CA TYR A 437 -7.54 7.98 6.73
C TYR A 437 -8.76 7.13 7.09
N THR A 438 -9.80 7.25 6.28
CA THR A 438 -11.03 6.49 6.45
C THR A 438 -11.72 6.40 5.11
N PRO A 439 -11.50 5.33 4.37
CA PRO A 439 -11.96 5.29 2.98
C PRO A 439 -13.45 5.37 2.81
N ARG A 440 -14.19 4.47 3.43
CA ARG A 440 -15.63 4.41 3.28
C ARG A 440 -16.25 4.22 4.66
N ARG A 441 -17.58 4.20 4.69
CA ARG A 441 -18.29 4.12 5.96
C ARG A 441 -17.92 2.85 6.71
N ASN A 442 -17.71 3.00 8.02
CA ASN A 442 -17.50 1.87 8.93
C ASN A 442 -16.27 1.05 8.52
N ILE A 443 -15.13 1.71 8.50
CA ILE A 443 -13.86 1.06 8.23
C ILE A 443 -12.84 1.54 9.26
N PRO A 444 -12.12 0.63 9.91
CA PRO A 444 -11.09 1.05 10.85
C PRO A 444 -10.05 1.91 10.16
N PRO A 445 -9.57 2.96 10.80
CA PRO A 445 -8.66 3.88 10.15
C PRO A 445 -7.21 3.45 10.21
N TYR A 446 -6.44 3.92 9.23
CA TYR A 446 -5.00 3.88 9.27
C TYR A 446 -4.43 5.29 9.39
N PHE A 447 -3.23 5.37 9.94
CA PHE A 447 -2.50 6.62 10.00
C PHE A 447 -1.71 6.76 8.71
N VAL A 448 -1.91 7.86 8.00
CA VAL A 448 -1.27 8.07 6.72
C VAL A 448 -0.58 9.41 6.71
N ALA A 449 0.51 9.49 5.97
CA ALA A 449 1.32 10.69 5.88
C ALA A 449 1.11 11.32 4.51
N LEU A 450 0.69 12.58 4.51
CA LEU A 450 0.56 13.34 3.27
C LEU A 450 1.91 13.96 2.95
N VAL A 451 2.63 13.36 2.01
CA VAL A 451 3.95 13.85 1.61
C VAL A 451 3.75 14.84 0.47
N PRO A 452 4.19 16.09 0.61
CA PRO A 452 4.15 17.01 -0.54
C PRO A 452 5.00 16.47 -1.67
N GLN A 453 4.53 16.68 -2.89
CA GLN A 453 5.17 16.09 -4.06
C GLN A 453 5.22 17.15 -5.15
N GLU A 454 6.36 17.82 -5.25
CA GLU A 454 6.51 18.92 -6.20
C GLU A 454 6.45 18.39 -7.63
N GLU A 455 5.76 19.12 -8.49
CA GLU A 455 5.64 18.74 -9.89
C GLU A 455 7.00 18.75 -10.58
N GLU A 456 7.21 17.80 -11.46
CA GLU A 456 8.43 17.74 -12.25
C GLU A 456 8.08 17.42 -13.69
N LEU A 457 8.74 18.11 -14.62
CA LEU A 457 8.52 17.93 -16.05
C LEU A 457 9.76 17.35 -16.70
N ASP A 458 9.55 16.47 -17.67
CA ASP A 458 10.65 15.90 -18.43
C ASP A 458 11.23 16.94 -19.37
N ASP A 459 12.32 16.57 -20.04
CA ASP A 459 12.88 17.44 -21.06
C ASP A 459 11.88 17.66 -22.19
N GLN A 460 11.07 16.66 -22.49
CA GLN A 460 10.05 16.75 -23.52
C GLN A 460 8.74 17.33 -23.00
N LYS A 461 8.78 18.06 -21.88
CA LYS A 461 7.58 18.64 -21.28
C LYS A 461 6.55 17.57 -20.95
N ILE A 462 6.99 16.51 -20.30
CA ILE A 462 6.13 15.39 -19.93
C ILE A 462 5.88 15.45 -18.43
N GLN A 463 4.63 15.23 -18.04
CA GLN A 463 4.23 15.31 -16.64
C GLN A 463 4.80 14.09 -15.92
N VAL A 464 6.09 14.16 -15.61
CA VAL A 464 6.76 13.07 -14.92
C VAL A 464 6.17 12.89 -13.53
N THR A 465 5.96 13.98 -12.83
CA THR A 465 5.52 13.91 -11.44
C THR A 465 4.38 14.90 -11.20
N PRO A 466 3.19 14.43 -10.91
CA PRO A 466 2.06 15.32 -10.74
C PRO A 466 2.17 16.09 -9.44
N PRO A 467 1.91 17.39 -9.46
CA PRO A 467 1.91 18.15 -8.21
C PRO A 467 0.76 17.73 -7.33
N GLY A 468 0.98 17.80 -6.02
CA GLY A 468 -0.03 17.38 -5.08
C GLY A 468 0.56 16.62 -3.93
N PHE A 469 -0.29 16.01 -3.13
CA PHE A 469 0.16 15.26 -1.96
C PHE A 469 0.07 13.76 -2.22
N GLN A 470 1.16 13.07 -1.94
CA GLN A 470 1.22 11.63 -2.09
C GLN A 470 0.75 11.00 -0.79
N LEU A 471 -0.26 10.16 -0.88
CA LEU A 471 -0.80 9.48 0.29
C LEU A 471 0.05 8.25 0.58
N VAL A 472 0.60 8.18 1.78
CA VAL A 472 1.48 7.09 2.18
C VAL A 472 0.91 6.45 3.43
N PHE A 473 0.71 5.14 3.37
CA PHE A 473 0.22 4.40 4.53
C PHE A 473 1.36 4.19 5.52
N LEU A 474 1.03 4.16 6.80
CA LEU A 474 2.00 3.94 7.84
C LEU A 474 1.64 2.70 8.62
N PRO A 475 2.54 1.75 8.78
CA PRO A 475 2.17 0.47 9.39
C PRO A 475 1.82 0.63 10.86
N PHE A 476 0.89 -0.19 11.30
CA PHE A 476 0.60 -0.30 12.72
C PHE A 476 1.59 -1.23 13.38
N ALA A 477 1.69 -1.13 14.71
CA ALA A 477 2.63 -1.95 15.45
C ALA A 477 2.38 -3.44 15.22
N ASP A 478 1.14 -3.82 14.93
CA ASP A 478 0.86 -5.21 14.62
C ASP A 478 1.56 -5.64 13.34
N ASP A 479 1.55 -4.76 12.33
CA ASP A 479 2.18 -5.09 11.02
C ASP A 479 3.70 -5.20 11.20
N LYS A 480 4.25 -4.56 12.24
CA LYS A 480 5.71 -4.58 12.47
C LYS A 480 6.13 -5.93 13.05
N ARG A 481 7.16 -6.57 12.48
CA ARG A 481 7.66 -7.87 13.00
C ARG A 481 9.08 -7.68 13.54
N LYS A 482 9.57 -8.61 14.36
CA LYS A 482 10.92 -8.49 14.97
C LYS A 482 11.94 -9.32 14.19
N MET A 483 13.24 -9.03 14.36
CA MET A 483 14.29 -9.75 13.58
C MET A 483 15.14 -10.64 14.49
N PRO A 484 15.10 -12.02 14.46
CA PRO A 484 16.01 -12.80 15.30
C PRO A 484 17.40 -12.79 14.69
N PHE A 485 18.40 -12.41 15.50
CA PHE A 485 19.74 -12.32 14.96
C PHE A 485 20.77 -12.31 16.08
N THR A 486 21.91 -12.91 15.80
CA THR A 486 23.10 -12.85 16.63
C THR A 486 23.94 -11.65 16.20
N GLU A 487 25.21 -11.63 16.60
CA GLU A 487 26.09 -10.52 16.28
C GLU A 487 26.31 -10.41 14.78
N LYS A 488 26.52 -9.18 14.32
CA LYS A 488 26.83 -8.89 12.93
C LYS A 488 28.34 -8.83 12.73
N ILE A 489 28.74 -8.83 11.45
CA ILE A 489 30.15 -8.80 11.08
C ILE A 489 30.34 -7.82 9.94
N MET A 490 31.38 -7.00 10.02
CA MET A 490 31.68 -6.02 8.98
C MET A 490 32.57 -6.67 7.92
N ALA A 491 33.11 -5.85 7.03
CA ALA A 491 33.98 -6.33 5.97
C ALA A 491 35.19 -5.41 5.85
N THR A 492 36.28 -5.96 5.34
CA THR A 492 37.49 -5.18 5.16
C THR A 492 37.26 -4.12 4.08
N PRO A 493 37.86 -2.94 4.22
CA PRO A 493 37.61 -1.88 3.23
C PRO A 493 38.02 -2.25 1.82
N GLU A 494 39.04 -3.09 1.66
CA GLU A 494 39.44 -3.50 0.32
C GLU A 494 38.32 -4.28 -0.36
N GLN A 495 37.64 -5.15 0.39
CA GLN A 495 36.50 -5.86 -0.16
C GLN A 495 35.39 -4.88 -0.56
N VAL A 496 35.17 -3.87 0.27
CA VAL A 496 34.16 -2.87 -0.03
C VAL A 496 34.51 -2.15 -1.34
N GLY A 497 35.77 -1.78 -1.51
CA GLY A 497 36.17 -1.12 -2.74
C GLY A 497 36.03 -2.03 -3.95
N LYS A 498 36.35 -3.31 -3.78
CA LYS A 498 36.16 -4.27 -4.86
C LYS A 498 34.69 -4.32 -5.26
N MET A 499 33.80 -4.38 -4.28
CA MET A 499 32.37 -4.37 -4.58
C MET A 499 31.95 -3.05 -5.22
N LYS A 500 32.55 -1.95 -4.81
CA LYS A 500 32.22 -0.67 -5.42
C LYS A 500 32.56 -0.69 -6.90
N ALA A 501 33.74 -1.18 -7.24
CA ALA A 501 34.11 -1.31 -8.64
C ALA A 501 33.16 -2.25 -9.37
N ILE A 502 32.83 -3.38 -8.74
CA ILE A 502 31.93 -4.34 -9.37
C ILE A 502 30.59 -3.70 -9.70
N VAL A 503 30.02 -3.01 -8.72
CA VAL A 503 28.72 -2.37 -8.92
C VAL A 503 28.83 -1.31 -10.01
N GLU A 504 29.89 -0.51 -9.98
CA GLU A 504 30.06 0.50 -11.01
C GLU A 504 30.13 -0.13 -12.39
N LYS A 505 30.65 -1.36 -12.48
CA LYS A 505 30.64 -2.06 -13.76
C LYS A 505 29.22 -2.41 -14.20
N LEU A 506 28.23 -2.32 -13.31
CA LEU A 506 26.87 -2.68 -13.64
C LEU A 506 25.88 -1.54 -13.44
N ARG A 507 26.35 -0.31 -13.30
CA ARG A 507 25.44 0.81 -13.16
C ARG A 507 24.60 0.97 -14.42
N PHE A 508 23.32 1.28 -14.24
CA PHE A 508 22.44 1.50 -15.37
C PHE A 508 21.26 2.35 -14.91
N THR A 509 20.88 3.33 -15.72
CA THR A 509 19.75 4.16 -15.38
C THR A 509 18.48 3.32 -15.39
N TYR A 510 17.57 3.65 -14.48
CA TYR A 510 16.32 2.92 -14.34
C TYR A 510 15.15 3.85 -14.60
N ARG A 511 14.43 3.61 -15.69
CA ARG A 511 13.16 4.25 -15.95
C ARG A 511 12.06 3.31 -15.50
N SER A 512 11.07 3.84 -14.78
CA SER A 512 10.01 3.00 -14.23
C SER A 512 9.29 2.23 -15.32
N ASP A 513 9.22 2.78 -16.53
CA ASP A 513 8.57 2.12 -17.65
C ASP A 513 9.57 1.25 -18.42
N SER A 514 10.07 0.23 -17.76
CA SER A 514 11.10 -0.59 -18.37
C SER A 514 10.82 -2.08 -18.35
N PHE A 515 10.08 -2.57 -17.36
CA PHE A 515 9.92 -4.01 -17.17
C PHE A 515 8.46 -4.40 -17.32
N GLU A 516 8.21 -5.35 -18.22
CA GLU A 516 6.89 -5.91 -18.47
C GLU A 516 6.66 -7.15 -17.62
N ASN A 517 5.39 -7.44 -17.33
CA ASN A 517 5.04 -8.64 -16.59
C ASN A 517 5.06 -9.83 -17.53
N PRO A 518 5.96 -10.79 -17.34
CA PRO A 518 6.02 -11.92 -18.29
C PRO A 518 4.73 -12.71 -18.33
N VAL A 519 4.06 -12.89 -17.19
CA VAL A 519 2.85 -13.70 -17.18
C VAL A 519 1.79 -13.07 -18.06
N LEU A 520 1.56 -11.77 -17.89
CA LEU A 520 0.53 -11.10 -18.68
C LEU A 520 0.84 -11.21 -20.16
N GLN A 521 2.08 -10.90 -20.54
CA GLN A 521 2.42 -10.91 -21.96
C GLN A 521 2.29 -12.31 -22.55
N GLN A 522 2.77 -13.33 -21.84
CA GLN A 522 2.69 -14.68 -22.37
C GLN A 522 1.24 -15.13 -22.49
N HIS A 523 0.44 -14.85 -21.47
CA HIS A 523 -0.96 -15.24 -21.52
C HIS A 523 -1.69 -14.55 -22.66
N PHE A 524 -1.42 -13.26 -22.87
CA PHE A 524 -2.08 -12.56 -23.95
C PHE A 524 -1.57 -13.01 -25.31
N ARG A 525 -0.30 -13.39 -25.40
CA ARG A 525 0.19 -13.98 -26.63
C ARG A 525 -0.56 -15.27 -26.94
N ASN A 526 -0.78 -16.09 -25.91
CA ASN A 526 -1.53 -17.32 -26.09
C ASN A 526 -2.94 -17.02 -26.57
N LEU A 527 -3.59 -16.05 -25.94
CA LEU A 527 -4.94 -15.69 -26.36
C LEU A 527 -4.96 -15.17 -27.78
N GLU A 528 -3.96 -14.38 -28.15
CA GLU A 528 -3.85 -13.88 -29.51
C GLU A 528 -3.74 -15.03 -30.50
N ALA A 529 -2.84 -15.97 -30.23
CA ALA A 529 -2.63 -17.08 -31.15
C ALA A 529 -3.90 -17.91 -31.29
N LEU A 530 -4.59 -18.17 -30.18
CA LEU A 530 -5.84 -18.90 -30.27
C LEU A 530 -6.88 -18.13 -31.06
N ALA A 531 -7.05 -16.84 -30.75
CA ALA A 531 -8.05 -16.03 -31.45
C ALA A 531 -7.70 -15.90 -32.92
N LEU A 532 -6.43 -15.68 -33.24
CA LEU A 532 -6.02 -15.59 -34.63
C LEU A 532 -5.77 -16.95 -35.27
N ASP A 533 -5.85 -18.02 -34.49
CA ASP A 533 -5.66 -19.39 -34.99
C ASP A 533 -4.31 -19.53 -35.70
N LEU A 534 -3.27 -19.04 -35.02
CA LEU A 534 -1.93 -19.14 -35.57
C LEU A 534 -1.41 -20.57 -35.45
N MET A 535 -0.28 -20.82 -36.10
CA MET A 535 0.33 -22.14 -36.05
C MET A 535 0.75 -22.50 -34.63
N GLU A 536 1.34 -21.55 -33.91
CA GLU A 536 1.79 -21.78 -32.55
C GLU A 536 1.80 -20.46 -31.81
N PRO A 537 1.67 -20.47 -30.49
CA PRO A 537 1.85 -19.23 -29.73
C PRO A 537 3.29 -18.79 -29.76
N GLU A 538 3.50 -17.49 -29.94
CA GLU A 538 4.85 -16.93 -29.93
C GLU A 538 5.35 -16.93 -28.49
N GLN A 539 6.58 -17.39 -28.29
CA GLN A 539 7.18 -17.42 -26.96
C GLN A 539 7.84 -16.06 -26.71
N ALA A 540 7.10 -15.18 -26.06
CA ALA A 540 7.62 -13.83 -25.80
C ALA A 540 8.87 -13.89 -24.95
N VAL A 541 9.89 -13.14 -25.37
CA VAL A 541 11.12 -13.06 -24.59
C VAL A 541 10.85 -12.33 -23.29
N ASP A 542 11.64 -12.64 -22.27
CA ASP A 542 11.51 -12.00 -20.97
C ASP A 542 12.63 -11.00 -20.77
N LEU A 543 12.26 -9.77 -20.43
CA LEU A 543 13.27 -8.79 -20.04
C LEU A 543 13.68 -8.96 -18.59
N THR A 544 12.79 -9.50 -17.76
CA THR A 544 13.10 -9.65 -16.35
C THR A 544 14.24 -10.62 -16.13
N LEU A 545 14.34 -11.64 -16.97
CA LEU A 545 15.39 -12.63 -16.81
C LEU A 545 16.74 -11.97 -17.04
N PRO A 546 17.70 -12.11 -16.12
CA PRO A 546 18.97 -11.41 -16.27
C PRO A 546 19.73 -11.86 -17.51
N LYS A 547 20.42 -10.89 -18.11
CA LYS A 547 21.25 -11.14 -19.29
C LYS A 547 22.60 -11.70 -18.81
N VAL A 548 22.55 -12.91 -18.26
CA VAL A 548 23.63 -13.39 -17.41
C VAL A 548 24.97 -13.32 -18.13
N GLU A 549 25.01 -13.78 -19.37
CA GLU A 549 26.26 -13.73 -20.12
C GLU A 549 26.67 -12.28 -20.39
N ALA A 550 25.69 -11.39 -20.57
CA ALA A 550 26.02 -10.01 -20.87
C ALA A 550 26.81 -9.37 -19.74
N MET A 551 26.32 -9.49 -18.51
CA MET A 551 27.11 -8.92 -17.42
C MET A 551 28.34 -9.75 -17.10
N ASN A 552 28.30 -11.07 -17.34
CA ASN A 552 29.52 -11.85 -17.23
C ASN A 552 30.62 -11.23 -18.08
N LYS A 553 30.28 -10.85 -19.31
CA LYS A 553 31.21 -10.09 -20.13
C LYS A 553 31.53 -8.75 -19.48
N ARG A 554 30.49 -8.02 -19.07
CA ARG A 554 30.70 -6.70 -18.48
C ARG A 554 31.53 -6.78 -17.21
N LEU A 555 31.51 -7.91 -16.53
CA LEU A 555 32.21 -8.02 -15.25
C LEU A 555 33.69 -8.37 -15.42
N GLY A 556 34.03 -9.16 -16.44
CA GLY A 556 35.40 -9.61 -16.54
C GLY A 556 35.77 -10.52 -15.40
N SER A 557 37.03 -10.46 -14.99
CA SER A 557 37.56 -11.35 -13.96
C SER A 557 37.39 -10.78 -12.56
N LEU A 558 36.69 -9.66 -12.42
CA LEU A 558 36.54 -9.03 -11.11
C LEU A 558 35.89 -9.98 -10.11
N VAL A 559 34.91 -10.76 -10.58
CA VAL A 559 34.18 -11.66 -9.69
C VAL A 559 35.13 -12.67 -9.05
N ASP A 560 36.03 -13.24 -9.84
CA ASP A 560 36.93 -14.25 -9.29
C ASP A 560 37.86 -13.63 -8.25
N GLU A 561 38.38 -12.44 -8.53
CA GLU A 561 39.25 -11.77 -7.58
C GLU A 561 38.50 -11.49 -6.28
N PHE A 562 37.26 -11.02 -6.37
CA PHE A 562 36.49 -10.79 -5.16
C PHE A 562 36.28 -12.08 -4.39
N LYS A 563 35.90 -13.15 -5.09
CA LYS A 563 35.62 -14.40 -4.41
C LYS A 563 36.85 -14.90 -3.67
N GLU A 564 38.01 -14.85 -4.32
CA GLU A 564 39.22 -15.27 -3.63
C GLU A 564 39.58 -14.32 -2.50
N LEU A 565 39.19 -13.05 -2.60
CA LEU A 565 39.38 -12.14 -1.48
C LEU A 565 38.53 -12.55 -0.28
N VAL A 566 37.31 -13.02 -0.53
CA VAL A 566 36.35 -13.28 0.54
C VAL A 566 36.15 -14.77 0.77
N TYR A 567 35.76 -15.50 -0.26
CA TYR A 567 35.37 -16.89 -0.08
C TYR A 567 36.59 -17.73 0.31
N PRO A 568 36.42 -18.73 1.17
CA PRO A 568 37.52 -19.62 1.49
C PRO A 568 37.77 -20.58 0.33
N PRO A 569 38.91 -21.26 0.30
CA PRO A 569 39.19 -22.16 -0.82
C PRO A 569 38.16 -23.26 -0.99
N ASP A 570 37.48 -23.65 0.07
CA ASP A 570 36.45 -24.68 0.02
C ASP A 570 35.09 -24.05 0.27
N TYR A 571 34.08 -24.51 -0.46
CA TYR A 571 32.74 -23.97 -0.32
C TYR A 571 31.72 -24.85 -1.03
N ASN B 6 8.04 -22.45 19.72
CA ASN B 6 6.78 -23.15 19.45
C ASN B 6 5.69 -22.68 20.40
N LYS B 7 5.84 -23.06 21.67
CA LYS B 7 4.83 -22.75 22.67
C LYS B 7 5.49 -22.06 23.85
N ALA B 8 4.89 -20.97 24.29
CA ALA B 8 5.39 -20.22 25.43
C ALA B 8 4.51 -20.44 26.66
N ALA B 9 4.93 -19.85 27.77
CA ALA B 9 4.19 -19.93 29.02
C ALA B 9 4.43 -18.65 29.81
N VAL B 10 3.36 -17.99 30.22
CA VAL B 10 3.44 -16.70 30.88
C VAL B 10 2.61 -16.73 32.14
N VAL B 11 3.02 -15.93 33.13
CA VAL B 11 2.27 -15.76 34.37
C VAL B 11 2.23 -14.27 34.69
N LEU B 12 1.06 -13.81 35.14
CA LEU B 12 0.85 -12.41 35.44
C LEU B 12 0.81 -12.19 36.94
N CYS B 13 1.48 -11.13 37.40
CA CYS B 13 1.64 -10.85 38.81
C CYS B 13 1.00 -9.49 39.12
N MET B 14 -0.30 -9.50 39.41
CA MET B 14 -1.01 -8.29 39.81
C MET B 14 -0.74 -7.90 41.25
N ASP B 15 -0.57 -6.60 41.47
CA ASP B 15 -0.72 -6.01 42.79
C ASP B 15 -2.18 -5.65 42.98
N VAL B 16 -2.78 -6.17 44.04
CA VAL B 16 -4.17 -5.87 44.34
C VAL B 16 -4.20 -5.15 45.68
N GLY B 17 -3.07 -4.56 46.05
CA GLY B 17 -2.93 -3.96 47.35
C GLY B 17 -3.85 -2.77 47.56
N PHE B 18 -4.05 -2.44 48.83
CA PHE B 18 -4.86 -1.29 49.19
C PHE B 18 -4.28 -0.01 48.60
N THR B 19 -2.96 0.18 48.74
CA THR B 19 -2.32 1.33 48.14
C THR B 19 -2.44 1.30 46.62
N MET B 20 -2.52 0.11 46.03
CA MET B 20 -2.65 0.00 44.58
C MET B 20 -3.94 0.65 44.09
N SER B 21 -4.95 0.73 44.95
CA SER B 21 -6.24 1.32 44.60
C SER B 21 -6.38 2.63 45.36
N ASN B 22 -5.85 3.71 44.77
CA ASN B 22 -6.00 5.05 45.33
C ASN B 22 -6.04 6.02 44.15
N SER B 23 -7.25 6.36 43.71
CA SER B 23 -7.43 7.15 42.49
C SER B 23 -7.27 8.62 42.83
N ILE B 24 -6.13 9.19 42.46
CA ILE B 24 -5.96 10.64 42.53
C ILE B 24 -6.89 11.29 41.51
N PRO B 25 -7.65 12.31 41.88
CA PRO B 25 -8.58 12.92 40.93
C PRO B 25 -7.87 13.39 39.66
N GLY B 26 -8.53 13.18 38.52
CA GLY B 26 -7.92 13.39 37.23
C GLY B 26 -7.23 12.16 36.66
N ILE B 27 -7.11 11.10 37.45
CA ILE B 27 -6.49 9.86 37.02
C ILE B 27 -7.27 8.70 37.61
N GLU B 28 -7.38 7.61 36.86
CA GLU B 28 -8.04 6.43 37.37
C GLU B 28 -7.18 5.75 38.42
N SER B 29 -7.82 4.91 39.22
CA SER B 29 -7.09 4.14 40.21
C SER B 29 -6.12 3.22 39.48
N PRO B 30 -4.85 3.15 39.91
CA PRO B 30 -3.88 2.31 39.21
C PRO B 30 -4.33 0.86 39.12
N PHE B 31 -5.05 0.38 40.13
CA PHE B 31 -5.64 -0.95 40.06
C PHE B 31 -6.51 -1.10 38.82
N GLU B 32 -7.36 -0.09 38.56
CA GLU B 32 -8.22 -0.16 37.39
C GLU B 32 -7.41 -0.15 36.10
N GLN B 33 -6.36 0.67 36.05
CA GLN B 33 -5.54 0.74 34.83
C GLN B 33 -4.87 -0.60 34.55
N ALA B 34 -4.29 -1.21 35.59
CA ALA B 34 -3.69 -2.52 35.40
C ALA B 34 -4.73 -3.56 35.03
N LYS B 35 -5.95 -3.43 35.58
CA LYS B 35 -7.03 -4.31 35.18
C LYS B 35 -7.29 -4.18 33.69
N LYS B 36 -7.31 -2.94 33.19
CA LYS B 36 -7.51 -2.74 31.76
C LYS B 36 -6.39 -3.38 30.96
N VAL B 37 -5.16 -3.25 31.45
CA VAL B 37 -4.02 -3.82 30.73
C VAL B 37 -4.15 -5.33 30.61
N ILE B 38 -4.43 -6.00 31.73
CA ILE B 38 -4.62 -7.45 31.68
C ILE B 38 -5.81 -7.79 30.80
N THR B 39 -6.87 -7.00 30.87
CA THR B 39 -8.03 -7.27 30.04
C THR B 39 -7.63 -7.29 28.58
N MET B 40 -6.85 -6.30 28.16
CA MET B 40 -6.37 -6.25 26.78
C MET B 40 -5.53 -7.47 26.46
N PHE B 41 -4.56 -7.79 27.32
CA PHE B 41 -3.64 -8.88 27.03
C PHE B 41 -4.38 -10.20 26.89
N VAL B 42 -5.22 -10.52 27.87
CA VAL B 42 -5.92 -11.79 27.83
C VAL B 42 -6.95 -11.82 26.72
N GLN B 43 -7.55 -10.68 26.40
CA GLN B 43 -8.43 -10.63 25.23
C GLN B 43 -7.67 -11.08 23.99
N ARG B 44 -6.49 -10.51 23.78
CA ARG B 44 -5.68 -10.91 22.63
C ARG B 44 -5.39 -12.40 22.70
N GLN B 45 -4.97 -12.89 23.86
CA GLN B 45 -4.57 -14.29 23.95
C GLN B 45 -5.73 -15.22 23.65
N VAL B 46 -6.91 -14.94 24.22
CA VAL B 46 -8.06 -15.80 24.00
C VAL B 46 -8.47 -15.78 22.55
N PHE B 47 -8.65 -14.59 21.98
CA PHE B 47 -9.16 -14.53 20.62
C PHE B 47 -8.09 -14.78 19.57
N ALA B 48 -6.82 -14.82 19.97
CA ALA B 48 -5.80 -15.37 19.08
C ALA B 48 -5.75 -16.88 19.14
N GLU B 49 -6.51 -17.49 20.06
CA GLU B 49 -6.58 -18.93 20.29
C GLU B 49 -5.21 -19.58 20.20
N ASN B 50 -4.20 -18.93 20.78
CA ASN B 50 -2.87 -19.49 20.82
C ASN B 50 -2.83 -20.69 21.78
N LYS B 51 -1.71 -21.39 21.76
CA LYS B 51 -1.55 -22.57 22.59
C LYS B 51 -0.78 -22.28 23.88
N ASP B 52 -0.46 -21.01 24.14
CA ASP B 52 0.35 -20.67 25.30
C ASP B 52 -0.53 -20.54 26.52
N GLU B 53 -0.37 -21.45 27.47
CA GLU B 53 -1.14 -21.39 28.70
C GLU B 53 -0.72 -20.17 29.53
N ILE B 54 -1.62 -19.72 30.37
CA ILE B 54 -1.43 -18.51 31.16
C ILE B 54 -1.71 -18.84 32.62
N ALA B 55 -1.06 -18.11 33.52
CA ALA B 55 -1.28 -18.25 34.95
C ALA B 55 -1.42 -16.87 35.58
N LEU B 56 -2.23 -16.79 36.63
CA LEU B 56 -2.48 -15.53 37.30
C LEU B 56 -2.25 -15.68 38.79
N VAL B 57 -1.46 -14.79 39.35
CA VAL B 57 -1.18 -14.75 40.78
C VAL B 57 -1.38 -13.33 41.26
N LEU B 58 -1.95 -13.19 42.46
CA LEU B 58 -2.23 -11.89 43.04
C LEU B 58 -1.50 -11.76 44.37
N PHE B 59 -1.10 -10.54 44.69
CA PHE B 59 -0.57 -10.23 46.00
C PHE B 59 -1.20 -8.93 46.48
N GLY B 60 -1.36 -8.82 47.79
CA GLY B 60 -2.16 -7.76 48.38
C GLY B 60 -3.55 -8.20 48.75
N THR B 61 -3.93 -9.44 48.45
CA THR B 61 -5.22 -9.97 48.87
C THR B 61 -5.30 -10.05 50.38
N ASP B 62 -6.53 -9.98 50.89
CA ASP B 62 -6.72 -10.16 52.33
C ASP B 62 -6.29 -11.55 52.76
N GLY B 63 -6.65 -12.57 51.99
CA GLY B 63 -6.16 -13.91 52.21
C GLY B 63 -4.92 -14.20 51.37
N THR B 64 -4.45 -15.43 51.48
CA THR B 64 -3.32 -15.91 50.71
C THR B 64 -3.57 -17.33 50.23
N ASP B 65 -3.05 -17.66 49.05
CA ASP B 65 -3.19 -18.99 48.49
C ASP B 65 -1.92 -19.43 47.80
N ASN B 66 -0.81 -18.96 48.26
CA ASN B 66 0.37 -19.46 47.58
C ASN B 66 0.71 -20.86 48.08
N PRO B 67 1.30 -21.70 47.22
CA PRO B 67 1.77 -23.00 47.70
C PRO B 67 2.84 -22.89 48.76
N LEU B 68 3.54 -21.75 48.81
CA LEU B 68 4.53 -21.49 49.85
C LEU B 68 3.97 -20.67 51.00
N SER B 69 2.66 -20.43 51.01
CA SER B 69 2.06 -19.72 52.14
C SER B 69 2.33 -20.44 53.46
N GLY B 70 2.44 -21.76 53.42
CA GLY B 70 2.85 -22.49 54.60
C GLY B 70 4.20 -22.00 55.10
N GLY B 71 4.36 -21.96 56.41
CA GLY B 71 5.52 -21.35 57.01
C GLY B 71 5.36 -19.88 57.33
N ASP B 72 4.14 -19.35 57.28
CA ASP B 72 3.82 -17.97 57.65
C ASP B 72 4.50 -16.95 56.76
N GLN B 73 4.94 -17.36 55.57
CA GLN B 73 5.58 -16.47 54.63
C GLN B 73 4.73 -16.35 53.37
N TYR B 74 5.07 -15.37 52.54
CA TYR B 74 4.36 -15.12 51.29
C TYR B 74 2.87 -14.92 51.53
N GLN B 75 2.54 -14.22 52.61
CA GLN B 75 1.16 -13.99 52.96
C GLN B 75 0.55 -12.93 52.05
N ASN B 76 -0.78 -12.86 52.08
CA ASN B 76 -1.55 -11.95 51.25
C ASN B 76 -1.34 -12.21 49.76
N ILE B 77 -0.95 -13.43 49.40
CA ILE B 77 -0.62 -13.80 48.04
C ILE B 77 -1.51 -14.96 47.65
N THR B 78 -2.38 -14.74 46.66
CA THR B 78 -3.29 -15.77 46.19
C THR B 78 -2.98 -16.14 44.75
N VAL B 79 -2.87 -17.44 44.50
CA VAL B 79 -2.66 -17.96 43.15
C VAL B 79 -4.05 -18.13 42.55
N HIS B 80 -4.55 -17.08 41.92
CA HIS B 80 -5.92 -17.12 41.43
C HIS B 80 -6.11 -18.12 40.31
N ARG B 81 -5.11 -18.30 39.46
CA ARG B 81 -5.24 -19.22 38.35
C ARG B 81 -3.88 -19.80 37.99
N HIS B 82 -3.81 -21.12 37.88
CA HIS B 82 -2.57 -21.80 37.55
C HIS B 82 -2.34 -21.73 36.04
N LEU B 83 -1.29 -22.39 35.56
CA LEU B 83 -0.98 -22.37 34.14
C LEU B 83 -1.99 -23.22 33.38
N MET B 84 -2.98 -22.57 32.79
CA MET B 84 -3.94 -23.24 31.93
C MET B 84 -4.14 -22.36 30.70
N LEU B 85 -4.70 -22.96 29.65
CA LEU B 85 -5.07 -22.17 28.51
C LEU B 85 -6.15 -21.17 28.92
N PRO B 86 -6.12 -19.95 28.38
CA PRO B 86 -7.08 -18.94 28.81
C PRO B 86 -8.49 -19.28 28.35
N ASP B 87 -9.46 -18.69 29.04
CA ASP B 87 -10.87 -18.95 28.75
C ASP B 87 -11.69 -17.73 29.16
N PHE B 88 -12.93 -17.69 28.67
CA PHE B 88 -13.82 -16.60 29.02
C PHE B 88 -14.03 -16.51 30.52
N ASP B 89 -13.92 -17.65 31.22
CA ASP B 89 -14.04 -17.62 32.67
C ASP B 89 -12.97 -16.75 33.29
N LEU B 90 -11.75 -16.80 32.74
CA LEU B 90 -10.69 -15.93 33.22
C LEU B 90 -11.07 -14.47 33.04
N LEU B 91 -11.62 -14.13 31.88
CA LEU B 91 -12.03 -12.75 31.64
C LEU B 91 -13.09 -12.32 32.65
N GLU B 92 -14.09 -13.17 32.86
CA GLU B 92 -15.15 -12.83 33.79
C GLU B 92 -14.61 -12.63 35.20
N ASP B 93 -13.71 -13.52 35.61
CA ASP B 93 -13.11 -13.39 36.94
C ASP B 93 -12.33 -12.10 37.05
N ILE B 94 -11.52 -11.78 36.03
CA ILE B 94 -10.64 -10.63 36.14
C ILE B 94 -11.43 -9.32 36.14
N GLU B 95 -12.51 -9.27 35.36
CA GLU B 95 -13.28 -8.03 35.35
C GLU B 95 -14.17 -7.91 36.57
N SER B 96 -14.65 -9.03 37.13
CA SER B 96 -15.61 -8.99 38.22
C SER B 96 -15.06 -9.57 39.51
N LYS B 97 -14.60 -10.81 39.50
CA LYS B 97 -14.28 -11.50 40.75
C LYS B 97 -13.14 -10.85 41.50
N ILE B 98 -12.27 -10.12 40.82
CA ILE B 98 -11.11 -9.50 41.46
C ILE B 98 -11.54 -8.18 42.07
N GLN B 99 -11.22 -8.00 43.35
CA GLN B 99 -11.53 -6.79 44.07
C GLN B 99 -10.30 -6.29 44.80
N PRO B 100 -10.13 -4.98 44.94
CA PRO B 100 -8.91 -4.44 45.54
C PRO B 100 -8.71 -4.91 46.97
N GLY B 101 -7.66 -5.71 47.19
CA GLY B 101 -7.37 -6.18 48.53
C GLY B 101 -6.83 -5.06 49.40
N SER B 102 -7.10 -5.19 50.71
CA SER B 102 -6.68 -4.19 51.69
C SER B 102 -5.35 -4.54 52.33
N GLN B 103 -4.49 -5.27 51.63
CA GLN B 103 -3.23 -5.73 52.18
C GLN B 103 -2.07 -5.30 51.30
N GLN B 104 -0.89 -5.20 51.91
CA GLN B 104 0.33 -4.87 51.19
C GLN B 104 1.37 -5.94 51.48
N ALA B 105 2.01 -6.44 50.41
CA ALA B 105 2.95 -7.53 50.54
C ALA B 105 4.17 -7.27 49.66
N ASP B 106 5.25 -7.97 49.97
CA ASP B 106 6.49 -7.81 49.22
C ASP B 106 6.36 -8.48 47.86
N PHE B 107 6.49 -7.68 46.80
CA PHE B 107 6.41 -8.23 45.45
C PHE B 107 7.52 -9.24 45.19
N LEU B 108 8.62 -9.16 45.93
CA LEU B 108 9.67 -10.16 45.80
C LEU B 108 9.16 -11.54 46.22
N ASP B 109 8.34 -11.59 47.26
CA ASP B 109 7.69 -12.84 47.64
C ASP B 109 6.81 -13.34 46.50
N ALA B 110 6.11 -12.43 45.82
CA ALA B 110 5.31 -12.80 44.67
C ALA B 110 6.18 -13.38 43.57
N LEU B 111 7.38 -12.81 43.37
CA LEU B 111 8.31 -13.36 42.40
C LEU B 111 8.73 -14.77 42.78
N ILE B 112 8.97 -15.00 44.07
CA ILE B 112 9.32 -16.33 44.52
C ILE B 112 8.18 -17.30 44.22
N VAL B 113 6.94 -16.89 44.50
CA VAL B 113 5.80 -17.75 44.21
C VAL B 113 5.71 -18.03 42.71
N SER B 114 5.95 -17.01 41.89
CA SER B 114 5.83 -17.17 40.45
C SER B 114 6.90 -18.12 39.91
N MET B 115 8.13 -17.97 40.36
CA MET B 115 9.19 -18.88 39.91
C MET B 115 8.91 -20.30 40.36
N ASP B 116 8.39 -20.46 41.58
CA ASP B 116 7.98 -21.79 42.02
C ASP B 116 6.91 -22.36 41.10
N VAL B 117 5.91 -21.55 40.75
CA VAL B 117 4.83 -22.02 39.90
C VAL B 117 5.37 -22.43 38.54
N ILE B 118 6.22 -21.59 37.95
CA ILE B 118 6.76 -21.90 36.64
C ILE B 118 7.55 -23.20 36.68
N GLN B 119 8.41 -23.35 37.68
CA GLN B 119 9.19 -24.58 37.77
C GLN B 119 8.32 -25.81 37.95
N HIS B 120 7.28 -25.71 38.76
CA HIS B 120 6.49 -26.87 39.14
C HIS B 120 5.32 -27.12 38.21
N GLU B 121 5.10 -26.28 37.22
CA GLU B 121 3.99 -26.49 36.29
C GLU B 121 4.45 -26.68 34.85
N THR B 122 5.71 -26.43 34.54
CA THR B 122 6.24 -26.67 33.21
C THR B 122 6.63 -28.13 32.97
N ILE B 123 6.37 -29.00 33.95
CA ILE B 123 6.77 -30.39 33.85
C ILE B 123 6.05 -31.05 32.69
N GLY B 124 6.79 -31.80 31.88
CA GLY B 124 6.21 -32.54 30.78
C GLY B 124 5.63 -31.69 29.67
N LYS B 125 6.00 -30.42 29.59
CA LYS B 125 5.48 -29.51 28.58
C LYS B 125 6.64 -28.81 27.89
N LYS B 126 6.53 -28.66 26.57
CA LYS B 126 7.61 -28.09 25.78
C LYS B 126 7.99 -26.71 26.28
N PHE B 127 7.08 -25.75 26.14
CA PHE B 127 7.23 -24.41 26.70
C PHE B 127 8.55 -23.78 26.27
N GLU B 128 8.63 -23.53 24.96
CA GLU B 128 9.84 -22.98 24.35
C GLU B 128 10.16 -21.58 24.86
N LYS B 129 9.29 -21.02 25.70
CA LYS B 129 9.53 -19.70 26.26
C LYS B 129 8.82 -19.58 27.59
N ARG B 130 9.47 -18.89 28.53
CA ARG B 130 8.92 -18.65 29.85
C ARG B 130 9.17 -17.19 30.21
N HIS B 131 8.12 -16.51 30.68
CA HIS B 131 8.21 -15.07 30.88
C HIS B 131 7.19 -14.62 31.90
N ILE B 132 7.54 -13.57 32.64
CA ILE B 132 6.75 -13.10 33.77
C ILE B 132 6.53 -11.60 33.63
N GLU B 133 5.32 -11.17 33.94
CA GLU B 133 4.97 -9.76 33.99
C GLU B 133 4.62 -9.36 35.42
N ILE B 134 4.86 -8.10 35.75
CA ILE B 134 4.61 -7.58 37.08
C ILE B 134 3.82 -6.29 36.95
N PHE B 135 2.74 -6.18 37.71
CA PHE B 135 1.87 -5.00 37.71
C PHE B 135 1.81 -4.50 39.13
N THR B 136 2.78 -3.66 39.50
CA THR B 136 2.89 -3.16 40.85
C THR B 136 3.10 -1.66 40.81
N ASP B 137 2.95 -1.04 41.98
CA ASP B 137 3.18 0.39 42.14
C ASP B 137 4.42 0.69 42.96
N LEU B 138 5.09 -0.33 43.49
CA LEU B 138 6.27 -0.18 44.34
C LEU B 138 5.98 0.70 45.56
N SER B 139 4.71 0.90 45.88
CA SER B 139 4.34 1.73 47.03
C SER B 139 4.60 1.04 48.36
N SER B 140 4.74 -0.28 48.36
CA SER B 140 4.95 -1.04 49.59
C SER B 140 6.43 -1.36 49.77
N ARG B 141 6.88 -1.30 51.02
CA ARG B 141 8.25 -1.68 51.33
C ARG B 141 8.44 -3.18 51.11
N PHE B 142 9.67 -3.62 51.30
CA PHE B 142 10.03 -5.01 51.06
C PHE B 142 11.39 -5.29 51.70
N SER B 143 11.86 -6.52 51.53
CA SER B 143 13.16 -6.95 52.03
C SER B 143 14.05 -7.31 50.85
N LYS B 144 15.27 -6.78 50.85
CA LYS B 144 16.22 -6.98 49.76
C LYS B 144 17.03 -8.26 49.92
N SER B 145 16.52 -9.24 50.66
CA SER B 145 17.33 -10.40 51.03
C SER B 145 17.59 -11.30 49.82
N GLN B 146 16.53 -11.88 49.26
CA GLN B 146 16.66 -13.00 48.34
C GLN B 146 16.89 -12.56 46.90
N LEU B 147 16.87 -11.26 46.61
CA LEU B 147 16.91 -10.80 45.22
C LEU B 147 18.12 -11.34 44.48
N ASP B 148 19.24 -11.52 45.16
CA ASP B 148 20.40 -12.14 44.54
C ASP B 148 20.08 -13.57 44.12
N ILE B 149 19.48 -14.35 45.01
CA ILE B 149 19.05 -15.69 44.66
C ILE B 149 18.03 -15.63 43.55
N ILE B 150 17.15 -14.63 43.58
CA ILE B 150 16.12 -14.50 42.56
C ILE B 150 16.74 -14.34 41.19
N ILE B 151 17.68 -13.40 41.06
CA ILE B 151 18.27 -13.13 39.76
C ILE B 151 19.13 -14.31 39.31
N HIS B 152 19.82 -14.96 40.26
CA HIS B 152 20.60 -16.13 39.89
C HIS B 152 19.70 -17.22 39.34
N SER B 153 18.57 -17.48 40.00
CA SER B 153 17.64 -18.49 39.53
C SER B 153 17.03 -18.10 38.19
N LEU B 154 16.76 -16.80 38.00
CA LEU B 154 16.23 -16.34 36.73
C LEU B 154 17.21 -16.61 35.60
N LYS B 155 18.48 -16.28 35.82
CA LYS B 155 19.49 -16.53 34.81
C LYS B 155 19.63 -18.03 34.55
N LYS B 156 19.61 -18.83 35.61
CA LYS B 156 19.74 -20.27 35.44
C LYS B 156 18.58 -20.85 34.65
N CYS B 157 17.36 -20.42 34.95
CA CYS B 157 16.16 -20.95 34.34
C CYS B 157 15.77 -20.22 33.06
N ASP B 158 16.46 -19.13 32.73
CA ASP B 158 16.23 -18.38 31.50
C ASP B 158 14.78 -17.90 31.43
N ILE B 159 14.40 -17.07 32.40
CA ILE B 159 13.04 -16.56 32.49
C ILE B 159 13.07 -15.08 32.16
N SER B 160 12.33 -14.67 31.14
CA SER B 160 12.22 -13.27 30.81
C SER B 160 11.41 -12.54 31.88
N LEU B 161 11.48 -11.21 31.85
CA LEU B 161 10.83 -10.41 32.87
C LEU B 161 10.53 -9.03 32.34
N GLN B 162 9.39 -8.48 32.76
CA GLN B 162 9.02 -7.12 32.44
C GLN B 162 8.35 -6.49 33.65
N PHE B 163 8.42 -5.16 33.73
CA PHE B 163 7.85 -4.42 34.84
C PHE B 163 6.89 -3.36 34.31
N PHE B 164 5.76 -3.21 34.98
CA PHE B 164 4.76 -2.22 34.61
C PHE B 164 4.39 -1.43 35.85
N LEU B 165 4.44 -0.11 35.75
CA LEU B 165 4.27 0.78 36.88
C LEU B 165 3.23 1.84 36.55
N PRO B 166 2.67 2.49 37.57
CA PRO B 166 1.75 3.60 37.30
C PRO B 166 2.38 4.74 36.51
N PHE B 167 3.67 4.97 36.68
CA PHE B 167 4.35 6.10 36.08
C PHE B 167 5.55 5.63 35.28
N SER B 168 5.85 6.37 34.22
CA SER B 168 6.98 6.03 33.37
C SER B 168 8.29 6.33 34.09
N LEU B 169 9.36 5.73 33.57
CA LEU B 169 10.69 5.99 34.12
C LEU B 169 11.10 7.44 33.91
N GLY B 170 10.84 7.98 32.72
CA GLY B 170 11.20 9.35 32.42
C GLY B 170 12.41 9.46 31.51
N GLY B 181 -1.13 18.92 32.27
CA GLY B 181 -2.47 18.77 31.75
C GLY B 181 -3.19 17.54 32.27
N PRO B 182 -4.44 17.35 31.87
CA PRO B 182 -5.18 16.17 32.30
C PRO B 182 -4.47 14.89 31.87
N PHE B 183 -4.41 13.93 32.79
CA PHE B 183 -3.68 12.69 32.55
C PHE B 183 -4.60 11.70 31.84
N ARG B 184 -4.92 12.03 30.59
CA ARG B 184 -5.78 11.19 29.78
C ARG B 184 -5.11 9.84 29.57
N LEU B 185 -5.75 8.79 30.06
CA LEU B 185 -5.19 7.45 29.97
C LEU B 185 -4.91 7.08 28.53
N GLY B 186 -3.72 6.54 28.27
CA GLY B 186 -3.33 6.20 26.93
C GLY B 186 -2.80 7.36 26.12
N GLY B 187 -2.66 8.54 26.71
CA GLY B 187 -2.09 9.66 26.00
C GLY B 187 -0.60 9.46 25.75
N HIS B 188 -0.06 10.36 24.93
CA HIS B 188 1.36 10.30 24.59
C HIS B 188 2.21 11.24 25.43
N GLY B 189 1.92 12.54 25.35
CA GLY B 189 2.81 13.55 25.90
C GLY B 189 2.97 13.47 27.40
N PRO B 190 1.93 13.84 28.14
CA PRO B 190 2.04 13.90 29.60
C PRO B 190 2.10 12.50 30.21
N SER B 191 2.37 12.49 31.51
CA SER B 191 2.37 11.27 32.29
C SER B 191 2.12 11.64 33.74
N PHE B 192 2.20 10.65 34.61
CA PHE B 192 2.05 10.93 36.03
C PHE B 192 3.19 11.83 36.52
N PRO B 193 2.90 12.74 37.46
CA PRO B 193 3.95 13.61 37.99
C PRO B 193 5.12 12.82 38.55
N LEU B 194 6.29 12.95 37.92
CA LEU B 194 7.47 12.24 38.39
C LEU B 194 7.87 12.65 39.79
N LYS B 195 7.42 13.80 40.28
CA LYS B 195 7.72 14.26 41.62
C LYS B 195 6.69 13.79 42.64
N GLY B 196 5.59 13.19 42.21
CA GLY B 196 4.58 12.72 43.13
C GLY B 196 4.86 11.39 43.78
N ILE B 197 5.99 10.76 43.46
CA ILE B 197 6.28 9.44 43.99
C ILE B 197 6.75 9.53 45.44
N THR B 198 6.47 8.47 46.19
CA THR B 198 6.52 8.50 47.65
C THR B 198 7.88 8.16 48.23
N GLU B 199 8.88 7.93 47.38
CA GLU B 199 10.26 7.66 47.77
C GLU B 199 10.41 6.26 48.36
N GLN B 200 9.28 5.61 48.67
CA GLN B 200 9.30 4.15 48.73
C GLN B 200 9.35 3.59 47.32
N GLN B 201 8.58 4.19 46.43
CA GLN B 201 8.65 3.86 45.02
C GLN B 201 10.01 4.22 44.44
N LYS B 202 10.69 5.22 44.99
CA LYS B 202 12.06 5.49 44.56
C LYS B 202 12.96 4.28 44.82
N GLU B 203 12.95 3.78 46.06
CA GLU B 203 13.77 2.62 46.38
C GLU B 203 13.36 1.41 45.56
N GLY B 204 12.05 1.20 45.41
CA GLY B 204 11.59 0.10 44.59
C GLY B 204 12.08 0.22 43.16
N LEU B 205 12.04 1.43 42.60
CA LEU B 205 12.51 1.65 41.24
C LEU B 205 13.99 1.36 41.14
N GLU B 206 14.78 1.78 42.14
CA GLU B 206 16.20 1.51 42.11
C GLU B 206 16.46 0.01 42.12
N ILE B 207 15.75 -0.71 42.98
CA ILE B 207 15.93 -2.16 43.06
C ILE B 207 15.54 -2.81 41.75
N VAL B 208 14.41 -2.39 41.17
CA VAL B 208 13.97 -2.97 39.90
C VAL B 208 14.98 -2.68 38.82
N LYS B 209 15.49 -1.45 38.76
CA LYS B 209 16.44 -1.07 37.73
C LYS B 209 17.71 -1.92 37.84
N MET B 210 18.23 -2.08 39.06
CA MET B 210 19.45 -2.85 39.21
C MET B 210 19.22 -4.33 38.90
N VAL B 211 18.09 -4.87 39.34
CA VAL B 211 17.76 -6.26 39.00
C VAL B 211 17.71 -6.43 37.49
N MET B 212 16.97 -5.56 36.82
CA MET B 212 16.70 -5.77 35.40
C MET B 212 17.97 -5.54 34.59
N ILE B 213 18.77 -4.53 34.97
CA ILE B 213 20.05 -4.30 34.33
C ILE B 213 20.97 -5.50 34.53
N SER B 214 20.86 -6.16 35.69
CA SER B 214 21.58 -7.41 35.88
C SER B 214 21.04 -8.49 34.95
N LEU B 215 19.76 -8.43 34.63
CA LEU B 215 19.15 -9.47 33.81
C LEU B 215 19.40 -9.24 32.32
N GLU B 216 18.89 -8.12 31.79
CA GLU B 216 18.91 -7.89 30.36
C GLU B 216 19.98 -6.88 29.94
N GLY B 217 20.88 -6.51 30.85
CA GLY B 217 21.92 -5.58 30.45
C GLY B 217 21.35 -4.20 30.17
N GLU B 218 22.16 -3.40 29.46
CA GLU B 218 21.82 -2.00 29.22
C GLU B 218 20.48 -1.83 28.56
N ASP B 219 20.06 -2.78 27.73
CA ASP B 219 18.72 -2.76 27.17
C ASP B 219 17.64 -3.05 28.21
N GLY B 220 18.04 -3.47 29.42
CA GLY B 220 17.06 -3.82 30.43
C GLY B 220 16.13 -2.68 30.80
N LEU B 221 16.69 -1.49 31.02
CA LEU B 221 15.87 -0.35 31.39
C LEU B 221 14.89 0.06 30.31
N ASP B 222 14.89 -0.63 29.17
CA ASP B 222 13.91 -0.39 28.12
C ASP B 222 12.65 -1.22 28.31
N GLU B 223 12.56 -2.00 29.39
CA GLU B 223 11.42 -2.88 29.63
C GLU B 223 10.68 -2.51 30.91
N ILE B 224 10.60 -1.21 31.19
CA ILE B 224 9.86 -0.71 32.32
C ILE B 224 8.83 0.26 31.76
N TYR B 225 7.58 -0.17 31.70
CA TYR B 225 6.54 0.60 31.03
C TYR B 225 5.52 1.11 32.02
N SER B 226 4.97 2.28 31.72
CA SER B 226 3.85 2.81 32.48
C SER B 226 2.55 2.28 31.89
N PHE B 227 1.57 2.09 32.78
CA PHE B 227 0.31 1.48 32.36
C PHE B 227 -0.30 2.24 31.19
N SER B 228 -0.40 3.56 31.31
CA SER B 228 -0.93 4.35 30.21
C SER B 228 -0.10 4.17 28.96
N GLU B 229 1.22 4.22 29.11
CA GLU B 229 2.09 3.97 27.97
C GLU B 229 1.93 2.55 27.46
N SER B 230 1.68 1.61 28.36
CA SER B 230 1.55 0.21 27.96
C SER B 230 0.37 0.01 27.03
N LEU B 231 -0.74 0.68 27.29
CA LEU B 231 -1.95 0.44 26.51
C LEU B 231 -1.76 0.76 25.03
N ARG B 232 -0.80 1.59 24.68
CA ARG B 232 -0.57 1.98 23.30
C ARG B 232 0.68 1.33 22.72
N LYS B 233 1.08 0.19 23.27
CA LYS B 233 2.25 -0.52 22.78
C LYS B 233 1.98 -2.01 22.84
N LEU B 234 2.76 -2.77 22.09
CA LEU B 234 2.68 -4.22 22.10
C LEU B 234 3.73 -4.84 23.02
N CYS B 235 4.30 -4.04 23.92
CA CYS B 235 5.39 -4.54 24.76
C CYS B 235 4.98 -5.75 25.58
N VAL B 236 3.68 -5.90 25.85
CA VAL B 236 3.22 -7.06 26.59
C VAL B 236 3.50 -8.34 25.84
N PHE B 237 3.32 -8.33 24.52
CA PHE B 237 3.55 -9.51 23.71
C PHE B 237 4.98 -9.61 23.21
N LYS B 238 5.83 -8.64 23.54
CA LYS B 238 7.15 -8.57 22.93
C LYS B 238 7.97 -9.83 23.18
N LYS B 239 7.70 -10.53 24.28
CA LYS B 239 8.51 -11.68 24.66
C LYS B 239 7.83 -13.01 24.35
N ILE B 240 6.69 -13.01 23.67
CA ILE B 240 5.95 -14.24 23.48
C ILE B 240 5.68 -14.49 22.01
N GLU B 241 5.75 -13.45 21.19
CA GLU B 241 5.35 -13.55 19.80
C GLU B 241 6.26 -14.51 19.05
N ARG B 242 5.65 -15.43 18.30
CA ARG B 242 6.40 -16.36 17.49
C ARG B 242 7.09 -15.62 16.36
N HIS B 243 8.42 -15.62 16.37
CA HIS B 243 9.18 -15.01 15.29
C HIS B 243 8.87 -15.73 13.98
N SER B 244 9.06 -15.01 12.87
CA SER B 244 8.74 -15.55 11.57
C SER B 244 9.70 -16.67 11.19
N ILE B 245 9.49 -17.23 10.01
CA ILE B 245 10.29 -18.32 9.49
C ILE B 245 11.05 -17.83 8.26
N HIS B 246 12.35 -18.12 8.23
CA HIS B 246 13.18 -17.62 7.15
C HIS B 246 12.83 -18.30 5.84
N TRP B 247 13.29 -17.68 4.75
CA TRP B 247 13.02 -18.15 3.39
C TRP B 247 14.37 -18.33 2.69
N PRO B 248 14.96 -19.52 2.79
CA PRO B 248 16.29 -19.72 2.20
C PRO B 248 16.26 -19.53 0.70
N CYS B 249 17.32 -18.94 0.17
CA CYS B 249 17.48 -18.69 -1.26
C CYS B 249 18.88 -18.12 -1.48
N ARG B 250 19.24 -17.97 -2.75
CA ARG B 250 20.51 -17.37 -3.13
C ARG B 250 20.27 -16.24 -4.10
N LEU B 251 21.05 -15.18 -3.99
CA LEU B 251 21.05 -14.13 -4.99
C LEU B 251 22.31 -14.27 -5.83
N THR B 252 22.17 -14.00 -7.13
CA THR B 252 23.24 -14.23 -8.07
C THR B 252 23.53 -12.95 -8.83
N ILE B 253 24.79 -12.55 -8.86
CA ILE B 253 25.26 -11.52 -9.76
C ILE B 253 25.95 -12.22 -10.91
N GLY B 254 25.35 -12.17 -12.09
CA GLY B 254 25.86 -12.99 -13.16
C GLY B 254 25.69 -14.47 -12.82
N SER B 255 26.54 -15.29 -13.41
CA SER B 255 26.49 -16.73 -13.20
C SER B 255 27.40 -17.19 -12.09
N ASN B 256 28.67 -16.78 -12.13
CA ASN B 256 29.64 -17.31 -11.19
C ASN B 256 29.36 -16.87 -9.76
N LEU B 257 28.94 -15.62 -9.57
CA LEU B 257 28.79 -15.09 -8.23
C LEU B 257 27.42 -15.45 -7.65
N SER B 258 27.43 -15.90 -6.40
CA SER B 258 26.19 -16.18 -5.69
C SER B 258 26.48 -16.12 -4.19
N ILE B 259 25.43 -15.87 -3.42
CA ILE B 259 25.54 -15.83 -1.97
C ILE B 259 24.33 -16.52 -1.37
N ARG B 260 24.56 -17.41 -0.41
CA ARG B 260 23.48 -18.03 0.33
C ARG B 260 22.93 -17.05 1.34
N ILE B 261 21.62 -16.84 1.33
CA ILE B 261 20.97 -15.85 2.18
C ILE B 261 19.66 -16.41 2.70
N ALA B 262 19.09 -15.69 3.65
CA ALA B 262 17.74 -15.94 4.14
C ALA B 262 17.00 -14.61 4.20
N ALA B 263 15.69 -14.66 4.06
CA ALA B 263 14.87 -13.46 4.07
C ALA B 263 13.68 -13.66 5.00
N TYR B 264 13.13 -12.55 5.48
CA TYR B 264 12.01 -12.60 6.39
C TYR B 264 11.02 -11.50 6.01
N LYS B 265 9.77 -11.74 6.34
CA LYS B 265 8.71 -10.76 6.13
C LYS B 265 8.71 -9.80 7.30
N SER B 266 9.18 -8.58 7.08
CA SER B 266 9.25 -7.60 8.16
C SER B 266 7.98 -6.79 8.30
N ILE B 267 7.29 -6.50 7.20
CA ILE B 267 6.03 -5.78 7.25
C ILE B 267 4.99 -6.62 6.54
N LEU B 268 3.89 -6.91 7.22
CA LEU B 268 2.82 -7.71 6.65
C LEU B 268 1.52 -7.27 7.28
N GLN B 269 0.57 -6.87 6.45
CA GLN B 269 -0.67 -6.32 6.97
C GLN B 269 -1.43 -7.38 7.76
N GLU B 270 -1.48 -7.20 9.07
CA GLU B 270 -2.20 -8.13 9.92
C GLU B 270 -3.69 -8.09 9.58
N ARG B 271 -4.31 -9.26 9.57
CA ARG B 271 -5.72 -9.38 9.23
C ARG B 271 -6.45 -10.23 10.27
N VAL B 272 -7.74 -9.96 10.44
CA VAL B 272 -8.54 -10.76 11.34
C VAL B 272 -8.51 -12.21 10.89
N LYS B 273 -8.32 -13.11 11.85
CA LYS B 273 -8.18 -14.52 11.50
C LYS B 273 -9.53 -15.15 11.17
N LYS B 274 -10.43 -15.17 12.13
CA LYS B 274 -11.70 -15.86 11.98
C LYS B 274 -12.75 -14.90 11.43
N THR B 275 -13.25 -15.21 10.25
CA THR B 275 -14.32 -14.43 9.66
C THR B 275 -15.65 -14.79 10.30
N TRP B 276 -16.66 -13.96 10.01
CA TRP B 276 -17.99 -14.22 10.53
C TRP B 276 -18.68 -15.33 9.77
N THR B 277 -19.58 -16.02 10.46
CA THR B 277 -20.35 -17.11 9.88
C THR B 277 -21.82 -16.76 9.94
N VAL B 278 -22.49 -16.87 8.81
CA VAL B 278 -23.91 -16.59 8.74
C VAL B 278 -24.69 -17.82 9.17
N VAL B 279 -25.61 -17.64 10.12
CA VAL B 279 -26.42 -18.73 10.64
C VAL B 279 -27.87 -18.27 10.69
N ASP B 280 -28.75 -19.23 10.95
CA ASP B 280 -30.17 -18.94 11.07
C ASP B 280 -30.43 -18.00 12.24
N ALA B 281 -31.42 -17.13 12.08
CA ALA B 281 -31.83 -16.29 13.20
C ALA B 281 -32.52 -17.12 14.28
N LYS B 282 -33.09 -18.27 13.92
CA LYS B 282 -33.89 -19.05 14.85
C LYS B 282 -33.06 -20.10 15.56
N THR B 283 -32.48 -21.04 14.80
CA THR B 283 -31.71 -22.11 15.40
C THR B 283 -30.22 -21.79 15.49
N LEU B 284 -29.79 -20.65 14.96
CA LEU B 284 -28.39 -20.23 15.02
C LEU B 284 -27.48 -21.31 14.44
N LYS B 285 -27.86 -21.83 13.27
CA LYS B 285 -27.14 -22.94 12.65
C LYS B 285 -26.71 -22.54 11.25
N LYS B 286 -25.41 -22.65 10.98
CA LYS B 286 -24.92 -22.50 9.62
C LYS B 286 -25.22 -23.75 8.79
N GLU B 287 -25.40 -24.90 9.45
CA GLU B 287 -25.62 -26.14 8.72
C GLU B 287 -26.91 -26.10 7.92
N ASP B 288 -27.96 -25.50 8.47
CA ASP B 288 -29.24 -25.48 7.79
C ASP B 288 -29.15 -24.70 6.47
N ILE B 289 -28.48 -23.55 6.50
CA ILE B 289 -28.40 -22.71 5.30
C ILE B 289 -27.35 -23.26 4.35
N GLN B 290 -27.69 -23.29 3.06
CA GLN B 290 -26.73 -23.55 2.00
C GLN B 290 -27.25 -22.90 0.73
N LYS B 291 -26.36 -22.78 -0.25
CA LYS B 291 -26.65 -22.04 -1.48
C LYS B 291 -26.51 -22.92 -2.69
N GLU B 292 -27.47 -22.80 -3.61
CA GLU B 292 -27.43 -23.47 -4.90
C GLU B 292 -27.37 -22.42 -6.00
N THR B 293 -27.03 -22.87 -7.20
CA THR B 293 -26.98 -21.97 -8.35
C THR B 293 -27.28 -22.75 -9.62
N VAL B 294 -27.68 -22.00 -10.64
CA VAL B 294 -27.98 -22.54 -11.96
C VAL B 294 -27.15 -21.75 -12.96
N TYR B 295 -26.89 -22.36 -14.11
CA TYR B 295 -26.17 -21.72 -15.20
C TYR B 295 -27.04 -21.71 -16.43
N CYS B 296 -27.06 -20.59 -17.14
CA CYS B 296 -27.96 -20.42 -18.27
C CYS B 296 -27.33 -19.49 -19.29
N LEU B 297 -27.84 -19.57 -20.52
CA LEU B 297 -27.41 -18.62 -21.54
C LEU B 297 -28.01 -17.25 -21.27
N ASN B 298 -27.24 -16.21 -21.59
CA ASN B 298 -27.70 -14.84 -21.41
C ASN B 298 -28.76 -14.44 -22.44
N ASP B 299 -28.96 -15.24 -23.48
CA ASP B 299 -29.93 -14.89 -24.50
C ASP B 299 -31.35 -15.04 -23.96
N ASP B 300 -32.30 -14.48 -24.71
CA ASP B 300 -33.71 -14.56 -24.32
C ASP B 300 -34.16 -16.01 -24.26
N ASP B 301 -35.32 -16.21 -23.63
CA ASP B 301 -35.82 -17.55 -23.33
C ASP B 301 -34.78 -18.34 -22.53
N GLU B 302 -34.50 -17.83 -21.33
CA GLU B 302 -33.43 -18.36 -20.50
C GLU B 302 -33.60 -19.85 -20.28
N THR B 303 -32.64 -20.61 -20.80
CA THR B 303 -32.60 -22.05 -20.64
C THR B 303 -31.36 -22.41 -19.83
N GLU B 304 -31.53 -23.28 -18.83
CA GLU B 304 -30.40 -23.63 -17.99
C GLU B 304 -29.33 -24.33 -18.83
N VAL B 305 -28.09 -24.23 -18.36
CA VAL B 305 -26.96 -24.87 -19.01
C VAL B 305 -26.27 -25.75 -17.98
N LEU B 306 -26.25 -27.05 -18.23
CA LEU B 306 -25.53 -27.97 -17.36
C LEU B 306 -24.02 -27.80 -17.52
N LYS B 307 -23.29 -28.20 -16.48
CA LYS B 307 -21.87 -27.87 -16.40
C LYS B 307 -21.07 -28.49 -17.54
N GLU B 308 -21.45 -29.68 -17.99
CA GLU B 308 -20.72 -30.33 -19.07
C GLU B 308 -20.90 -29.62 -20.40
N ASP B 309 -21.90 -28.74 -20.53
CA ASP B 309 -22.03 -27.87 -21.67
C ASP B 309 -21.30 -26.55 -21.46
N ILE B 310 -20.55 -26.42 -20.37
CA ILE B 310 -19.85 -25.20 -20.02
C ILE B 310 -18.37 -25.43 -20.18
N ILE B 311 -17.71 -24.51 -20.89
CA ILE B 311 -16.27 -24.57 -21.10
C ILE B 311 -15.67 -23.25 -20.67
N GLN B 312 -14.51 -23.31 -20.01
CA GLN B 312 -13.79 -22.12 -19.62
C GLN B 312 -13.40 -21.31 -20.85
N GLY B 313 -13.67 -20.02 -20.82
CA GLY B 313 -13.34 -19.14 -21.93
C GLY B 313 -12.72 -17.85 -21.43
N PHE B 314 -12.20 -17.08 -22.38
CA PHE B 314 -11.54 -15.83 -22.07
C PHE B 314 -12.03 -14.72 -23.00
N ARG B 315 -12.07 -13.51 -22.46
CA ARG B 315 -12.46 -12.33 -23.21
C ARG B 315 -11.22 -11.62 -23.70
N TYR B 316 -11.20 -11.28 -24.98
CA TYR B 316 -10.11 -10.53 -25.59
C TYR B 316 -10.73 -9.28 -26.20
N GLY B 317 -10.92 -8.27 -25.36
CA GLY B 317 -11.63 -7.08 -25.80
C GLY B 317 -13.00 -7.48 -26.31
N SER B 318 -13.30 -7.07 -27.54
CA SER B 318 -14.56 -7.45 -28.18
C SER B 318 -14.60 -8.91 -28.60
N ASP B 319 -13.57 -9.69 -28.28
CA ASP B 319 -13.46 -11.06 -28.74
C ASP B 319 -13.56 -12.02 -27.56
N ILE B 320 -14.22 -13.15 -27.79
CA ILE B 320 -14.34 -14.20 -26.80
C ILE B 320 -13.71 -15.46 -27.38
N VAL B 321 -12.77 -16.05 -26.65
CA VAL B 321 -12.04 -17.23 -27.10
C VAL B 321 -12.27 -18.35 -26.10
N PRO B 322 -12.64 -19.55 -26.53
CA PRO B 322 -12.67 -20.70 -25.63
C PRO B 322 -11.25 -21.10 -25.27
N PHE B 323 -11.03 -21.54 -24.04
CA PHE B 323 -9.68 -21.85 -23.57
C PHE B 323 -9.79 -22.84 -22.43
N SER B 324 -9.49 -24.10 -22.70
CA SER B 324 -9.58 -25.13 -21.67
C SER B 324 -8.47 -24.97 -20.65
N LYS B 325 -8.78 -25.34 -19.41
CA LYS B 325 -7.79 -25.22 -18.34
C LYS B 325 -6.58 -26.09 -18.61
N VAL B 326 -6.76 -27.24 -19.23
CA VAL B 326 -5.62 -28.07 -19.62
C VAL B 326 -4.73 -27.32 -20.60
N ASP B 327 -5.35 -26.70 -21.60
CA ASP B 327 -4.59 -25.87 -22.52
C ASP B 327 -3.94 -24.71 -21.79
N GLU B 328 -4.61 -24.15 -20.79
CA GLU B 328 -4.01 -23.09 -20.00
C GLU B 328 -2.73 -23.56 -19.35
N GLU B 329 -2.79 -24.69 -18.65
CA GLU B 329 -1.60 -25.22 -17.99
C GLU B 329 -0.50 -25.52 -19.00
N GLN B 330 -0.88 -26.06 -20.17
CA GLN B 330 0.12 -26.41 -21.16
C GLN B 330 0.79 -25.18 -21.75
N MET B 331 0.04 -24.08 -21.92
CA MET B 331 0.55 -22.85 -22.49
C MET B 331 0.91 -21.79 -21.47
N LYS B 332 0.60 -21.98 -20.20
CA LYS B 332 0.90 -20.93 -19.21
C LYS B 332 2.40 -20.73 -19.09
N TYR B 333 2.78 -19.50 -18.78
CA TYR B 333 4.19 -19.20 -18.55
C TYR B 333 4.72 -20.05 -17.40
N LYS B 334 5.95 -20.49 -17.53
CA LYS B 334 6.59 -21.32 -16.51
C LYS B 334 7.92 -20.69 -16.12
N SER B 335 8.08 -20.45 -14.83
CA SER B 335 9.31 -19.86 -14.33
C SER B 335 10.40 -20.92 -14.22
N GLU B 336 11.57 -20.50 -13.75
CA GLU B 336 12.71 -21.39 -13.60
C GLU B 336 12.90 -21.86 -12.17
N GLY B 337 11.96 -21.59 -11.29
CA GLY B 337 12.06 -21.99 -9.90
C GLY B 337 12.45 -20.82 -9.01
N LYS B 338 12.62 -21.15 -7.74
CA LYS B 338 12.99 -20.15 -6.76
C LYS B 338 14.29 -19.47 -7.16
N CYS B 339 14.29 -18.14 -7.16
CA CYS B 339 15.46 -17.39 -7.57
C CYS B 339 15.37 -15.98 -7.03
N PHE B 340 16.54 -15.37 -6.83
CA PHE B 340 16.64 -14.02 -6.31
C PHE B 340 17.73 -13.25 -7.05
N SER B 341 17.79 -13.42 -8.36
CA SER B 341 18.87 -12.84 -9.14
C SER B 341 18.75 -11.33 -9.20
N VAL B 342 19.90 -10.68 -9.32
CA VAL B 342 19.96 -9.23 -9.46
C VAL B 342 19.93 -8.88 -10.94
N LEU B 343 19.66 -7.62 -11.23
CA LEU B 343 19.69 -7.13 -12.59
C LEU B 343 20.71 -6.03 -12.81
N GLY B 344 20.82 -5.10 -11.88
CA GLY B 344 21.76 -4.01 -12.06
C GLY B 344 21.72 -3.09 -10.86
N PHE B 345 22.17 -1.86 -11.07
CA PHE B 345 22.16 -0.86 -10.02
C PHE B 345 21.87 0.50 -10.63
N CYS B 346 21.26 1.37 -9.83
CA CYS B 346 20.88 2.69 -10.29
C CYS B 346 20.92 3.65 -9.12
N LYS B 347 20.84 4.94 -9.44
CA LYS B 347 20.80 5.96 -8.42
C LYS B 347 19.62 5.71 -7.49
N SER B 348 19.88 5.79 -6.18
CA SER B 348 18.78 5.74 -5.24
C SER B 348 17.77 6.86 -5.52
N SER B 349 18.24 7.96 -6.10
CA SER B 349 17.34 9.02 -6.50
C SER B 349 16.36 8.53 -7.55
N GLN B 350 16.82 7.69 -8.48
CA GLN B 350 15.96 7.24 -9.56
C GLN B 350 14.75 6.49 -9.02
N VAL B 351 14.95 5.61 -8.04
CA VAL B 351 13.84 4.84 -7.51
C VAL B 351 13.01 5.71 -6.58
N GLN B 352 11.92 6.25 -7.10
CA GLN B 352 11.05 7.09 -6.30
C GLN B 352 10.31 6.26 -5.27
N ARG B 353 10.16 6.83 -4.09
CA ARG B 353 9.52 6.10 -2.99
C ARG B 353 8.07 5.77 -3.30
N ARG B 354 7.43 6.57 -4.14
CA ARG B 354 6.01 6.36 -4.43
C ARG B 354 5.75 5.17 -5.34
N PHE B 355 6.75 4.68 -6.04
CA PHE B 355 6.55 3.58 -6.96
C PHE B 355 6.55 2.24 -6.27
N PHE B 356 6.72 2.21 -4.95
CA PHE B 356 6.70 0.95 -4.23
C PHE B 356 5.37 0.25 -4.44
N MET B 357 5.43 -1.04 -4.74
CA MET B 357 4.24 -1.80 -5.07
C MET B 357 4.24 -3.04 -4.18
N GLY B 358 3.36 -3.99 -4.42
CA GLY B 358 3.34 -5.20 -3.63
C GLY B 358 2.71 -4.97 -2.27
N ASN B 359 2.70 -6.02 -1.47
CA ASN B 359 2.00 -5.99 -0.20
C ASN B 359 2.81 -6.63 0.91
N GLN B 360 4.11 -6.33 0.96
CA GLN B 360 4.99 -6.82 2.00
C GLN B 360 6.36 -6.20 1.77
N VAL B 361 7.26 -6.41 2.73
CA VAL B 361 8.66 -6.11 2.54
C VAL B 361 9.46 -7.31 2.98
N LEU B 362 10.69 -7.39 2.49
CA LEU B 362 11.59 -8.47 2.85
C LEU B 362 12.89 -7.86 3.35
N LYS B 363 13.25 -8.17 4.58
CA LYS B 363 14.60 -7.92 5.05
C LYS B 363 15.44 -9.14 4.72
N VAL B 364 16.56 -8.91 4.06
CA VAL B 364 17.40 -9.99 3.57
C VAL B 364 18.63 -10.08 4.44
N PHE B 365 18.88 -11.26 4.98
CA PHE B 365 20.02 -11.51 5.84
C PHE B 365 20.93 -12.55 5.21
N ALA B 366 22.20 -12.48 5.56
CA ALA B 366 23.10 -13.56 5.21
C ALA B 366 22.58 -14.86 5.82
N ALA B 367 22.69 -15.94 5.05
CA ALA B 367 22.22 -17.24 5.52
C ALA B 367 22.79 -17.52 6.89
N ARG B 368 21.94 -18.03 7.79
CA ARG B 368 22.29 -18.13 9.19
C ARG B 368 23.55 -18.96 9.38
N ASP B 369 24.48 -18.44 10.18
CA ASP B 369 25.72 -19.11 10.51
C ASP B 369 26.55 -19.41 9.25
N ASP B 370 26.97 -18.33 8.58
CA ASP B 370 27.91 -18.45 7.47
C ASP B 370 28.76 -17.18 7.46
N GLU B 371 29.99 -17.30 7.96
CA GLU B 371 30.89 -16.16 8.02
C GLU B 371 31.19 -15.64 6.61
N ALA B 372 31.40 -16.53 5.65
CA ALA B 372 31.70 -16.11 4.30
C ALA B 372 30.55 -15.31 3.70
N ALA B 373 29.34 -15.83 3.82
CA ALA B 373 28.18 -15.12 3.31
C ALA B 373 28.00 -13.80 4.03
N ALA B 374 28.20 -13.79 5.35
CA ALA B 374 28.08 -12.55 6.09
C ALA B 374 29.06 -11.51 5.59
N VAL B 375 30.31 -11.90 5.38
CA VAL B 375 31.32 -10.96 4.92
C VAL B 375 30.96 -10.43 3.54
N ALA B 376 30.59 -11.34 2.64
CA ALA B 376 30.26 -10.91 1.28
C ALA B 376 29.09 -9.95 1.28
N LEU B 377 28.04 -10.29 2.01
CA LEU B 377 26.84 -9.46 2.03
C LEU B 377 27.13 -8.12 2.68
N SER B 378 27.92 -8.10 3.75
CA SER B 378 28.28 -6.83 4.38
C SER B 378 29.07 -5.96 3.44
N SER B 379 30.00 -6.55 2.69
CA SER B 379 30.75 -5.77 1.71
C SER B 379 29.81 -5.20 0.66
N LEU B 380 28.87 -6.01 0.19
CA LEU B 380 27.91 -5.53 -0.80
C LEU B 380 27.09 -4.37 -0.24
N ILE B 381 26.61 -4.51 0.98
CA ILE B 381 25.78 -3.47 1.58
C ILE B 381 26.57 -2.18 1.73
N HIS B 382 27.80 -2.29 2.21
CA HIS B 382 28.61 -1.08 2.38
C HIS B 382 28.91 -0.41 1.05
N ALA B 383 29.19 -1.21 0.02
CA ALA B 383 29.41 -0.63 -1.30
C ALA B 383 28.15 0.09 -1.79
N LEU B 384 26.99 -0.54 -1.63
CA LEU B 384 25.74 0.08 -2.04
C LEU B 384 25.53 1.40 -1.32
N ASP B 385 25.81 1.42 -0.01
CA ASP B 385 25.64 2.64 0.75
C ASP B 385 26.59 3.73 0.29
N ASP B 386 27.88 3.41 0.20
CA ASP B 386 28.87 4.42 -0.16
C ASP B 386 28.60 4.98 -1.54
N LEU B 387 28.27 4.13 -2.50
CA LEU B 387 27.92 4.62 -3.81
C LEU B 387 26.51 5.17 -3.87
N ASP B 388 25.72 5.01 -2.80
CA ASP B 388 24.34 5.47 -2.74
C ASP B 388 23.51 4.82 -3.85
N MET B 389 23.86 3.59 -4.20
CA MET B 389 23.16 2.83 -5.21
C MET B 389 22.07 1.98 -4.58
N VAL B 390 21.22 1.42 -5.43
CA VAL B 390 20.25 0.41 -5.02
C VAL B 390 20.31 -0.70 -6.05
N ALA B 391 19.79 -1.86 -5.68
CA ALA B 391 19.85 -3.05 -6.51
C ALA B 391 18.47 -3.38 -7.05
N ILE B 392 18.41 -3.68 -8.33
CA ILE B 392 17.17 -4.13 -8.98
C ILE B 392 17.28 -5.63 -9.15
N VAL B 393 16.33 -6.36 -8.57
CA VAL B 393 16.43 -7.81 -8.49
C VAL B 393 15.22 -8.43 -9.15
N ARG B 394 15.39 -9.69 -9.53
CA ARG B 394 14.30 -10.52 -10.02
C ARG B 394 13.98 -11.52 -8.91
N TYR B 395 12.80 -11.39 -8.32
CA TYR B 395 12.43 -12.16 -7.16
C TYR B 395 11.33 -13.14 -7.52
N ALA B 396 11.55 -14.42 -7.21
CA ALA B 396 10.58 -15.47 -7.48
C ALA B 396 10.46 -16.31 -6.22
N TYR B 397 9.34 -16.18 -5.52
CA TYR B 397 9.18 -16.89 -4.26
C TYR B 397 9.18 -18.39 -4.47
N ASP B 398 8.53 -18.86 -5.52
CA ASP B 398 8.47 -20.29 -5.80
C ASP B 398 8.23 -20.48 -7.29
N LYS B 399 8.51 -21.70 -7.75
CA LYS B 399 8.42 -21.99 -9.19
C LYS B 399 7.04 -21.71 -9.74
N ARG B 400 6.00 -21.84 -8.92
CA ARG B 400 4.64 -21.63 -9.38
C ARG B 400 4.18 -20.19 -9.20
N ALA B 401 4.96 -19.35 -8.55
CA ALA B 401 4.56 -17.98 -8.27
C ALA B 401 4.98 -17.07 -9.41
N ASN B 402 4.25 -15.99 -9.59
CA ASN B 402 4.60 -15.01 -10.61
C ASN B 402 5.88 -14.31 -10.22
N PRO B 403 6.91 -14.32 -11.05
CA PRO B 403 8.13 -13.61 -10.71
C PRO B 403 7.88 -12.12 -10.59
N GLN B 404 8.59 -11.48 -9.67
CA GLN B 404 8.47 -10.05 -9.46
C GLN B 404 9.81 -9.38 -9.76
N VAL B 405 9.75 -8.07 -9.96
CA VAL B 405 10.93 -7.24 -10.04
C VAL B 405 10.78 -6.10 -9.04
N GLY B 406 11.82 -5.88 -8.24
CA GLY B 406 11.75 -4.88 -7.21
C GLY B 406 13.12 -4.40 -6.81
N VAL B 407 13.14 -3.37 -6.00
CA VAL B 407 14.37 -2.70 -5.59
C VAL B 407 14.86 -3.31 -4.28
N ALA B 408 16.17 -3.50 -4.18
CA ALA B 408 16.82 -3.87 -2.94
C ALA B 408 17.75 -2.73 -2.56
N PHE B 409 17.62 -2.23 -1.35
CA PHE B 409 18.50 -1.14 -0.97
C PHE B 409 19.13 -1.41 0.38
N PRO B 410 20.34 -0.92 0.62
CA PRO B 410 21.00 -1.19 1.89
C PRO B 410 20.28 -0.51 3.03
N HIS B 411 20.34 -1.13 4.19
CA HIS B 411 19.72 -0.61 5.41
C HIS B 411 20.67 -0.93 6.55
N ILE B 412 21.55 -0.02 6.85
CA ILE B 412 22.61 -0.23 7.81
C ILE B 412 22.11 0.09 9.20
N LYS B 413 22.67 -0.59 10.20
CA LYS B 413 22.32 -0.32 11.58
C LYS B 413 23.49 -0.69 12.48
N HIS B 414 23.45 -0.15 13.70
CA HIS B 414 24.55 -0.35 14.63
C HIS B 414 24.77 -1.83 14.94
N ASN B 415 23.69 -2.57 15.16
CA ASN B 415 23.80 -3.95 15.61
C ASN B 415 23.65 -4.97 14.51
N TYR B 416 23.00 -4.63 13.41
CA TYR B 416 22.87 -5.54 12.29
C TYR B 416 22.78 -4.75 11.00
N GLU B 417 22.84 -5.47 9.89
CA GLU B 417 22.74 -4.86 8.58
C GLU B 417 21.99 -5.83 7.67
N CYS B 418 21.19 -5.29 6.78
CA CYS B 418 20.37 -6.15 5.93
C CYS B 418 19.92 -5.37 4.72
N LEU B 419 19.63 -6.12 3.66
CA LEU B 419 19.00 -5.56 2.48
C LEU B 419 17.48 -5.58 2.65
N VAL B 420 16.83 -4.62 2.02
CA VAL B 420 15.38 -4.50 2.06
C VAL B 420 14.87 -4.58 0.63
N TYR B 421 13.90 -5.45 0.40
CA TYR B 421 13.33 -5.64 -0.92
C TYR B 421 11.86 -5.26 -0.93
N VAL B 422 11.46 -4.54 -1.96
CA VAL B 422 10.07 -4.12 -2.13
C VAL B 422 9.72 -4.29 -3.60
N GLN B 423 8.56 -4.88 -3.87
CA GLN B 423 8.18 -5.14 -5.25
C GLN B 423 7.94 -3.85 -6.00
N LEU B 424 8.48 -3.77 -7.19
CA LEU B 424 8.29 -2.65 -8.09
C LEU B 424 7.30 -3.00 -9.18
N PRO B 425 6.67 -2.02 -9.82
CA PRO B 425 5.60 -2.32 -10.76
C PRO B 425 6.07 -2.46 -12.20
N PHE B 426 5.24 -3.14 -12.99
CA PHE B 426 5.42 -3.22 -14.42
C PHE B 426 4.70 -2.07 -15.10
N MET B 427 4.94 -1.91 -16.42
CA MET B 427 4.24 -0.86 -17.15
C MET B 427 2.74 -1.04 -17.07
N GLU B 428 2.27 -2.28 -17.03
CA GLU B 428 0.83 -2.54 -17.02
C GLU B 428 0.18 -1.95 -15.77
N ASP B 429 0.92 -1.86 -14.68
CA ASP B 429 0.34 -1.33 -13.44
C ASP B 429 0.41 0.19 -13.36
N LEU B 430 1.13 0.83 -14.26
CA LEU B 430 1.21 2.28 -14.22
C LEU B 430 -0.05 2.91 -14.80
N ARG B 431 -0.33 4.13 -14.37
CA ARG B 431 -1.40 4.95 -14.92
C ARG B 431 -0.90 6.37 -15.05
N GLN B 432 -1.04 6.94 -16.24
CA GLN B 432 -0.48 8.26 -16.55
C GLN B 432 -1.62 9.25 -16.67
N TYR B 433 -1.91 9.95 -15.59
CA TYR B 433 -2.91 10.99 -15.61
C TYR B 433 -2.26 12.36 -15.65
N MET B 434 -2.83 13.24 -16.44
CA MET B 434 -2.35 14.61 -16.58
C MET B 434 -3.05 15.49 -15.56
N PHE B 435 -2.29 16.28 -14.82
CA PHE B 435 -2.83 17.18 -13.81
C PHE B 435 -2.42 18.60 -14.11
N SER B 436 -3.38 19.51 -14.03
CA SER B 436 -3.07 20.93 -14.15
C SER B 436 -2.21 21.37 -12.98
N SER B 437 -1.22 22.19 -13.26
CA SER B 437 -0.36 22.69 -12.20
C SER B 437 -1.15 23.59 -11.27
N LEU B 438 -0.56 23.87 -10.11
CA LEU B 438 -1.15 24.76 -9.13
C LEU B 438 -0.40 26.07 -8.98
N LYS B 439 0.93 26.02 -9.06
CA LYS B 439 1.72 27.25 -8.97
C LYS B 439 1.35 28.21 -10.08
N ASN B 440 1.12 27.69 -11.29
CA ASN B 440 0.74 28.51 -12.43
C ASN B 440 -0.76 28.41 -12.59
N SER B 441 -1.49 29.07 -11.68
CA SER B 441 -2.95 29.09 -11.73
C SER B 441 -3.38 30.43 -11.15
N LYS B 442 -3.60 31.40 -12.03
CA LYS B 442 -3.86 32.77 -11.59
C LYS B 442 -5.14 32.89 -10.78
N LYS B 443 -6.05 31.93 -10.92
CA LYS B 443 -7.26 31.92 -10.13
C LYS B 443 -7.08 31.27 -8.77
N TYR B 444 -5.92 30.69 -8.50
CA TYR B 444 -5.71 29.92 -7.28
C TYR B 444 -4.49 30.37 -6.49
N ALA B 445 -3.75 31.36 -6.96
CA ALA B 445 -2.54 31.77 -6.26
C ALA B 445 -2.91 32.34 -4.90
N PRO B 446 -2.42 31.76 -3.80
CA PRO B 446 -2.74 32.29 -2.48
C PRO B 446 -2.14 33.66 -2.26
N THR B 447 -2.81 34.44 -1.42
CA THR B 447 -2.26 35.73 -1.02
C THR B 447 -1.08 35.52 -0.08
N GLU B 448 -0.26 36.56 0.02
CA GLU B 448 0.89 36.49 0.92
C GLU B 448 0.44 36.31 2.36
N ALA B 449 -0.61 37.02 2.77
CA ALA B 449 -1.12 36.86 4.12
C ALA B 449 -1.60 35.43 4.35
N GLN B 450 -2.25 34.85 3.34
CA GLN B 450 -2.68 33.45 3.45
C GLN B 450 -1.49 32.54 3.66
N LEU B 451 -0.41 32.76 2.91
CA LEU B 451 0.78 31.94 3.08
C LEU B 451 1.37 32.10 4.48
N ASN B 452 1.40 33.32 4.99
CA ASN B 452 1.91 33.54 6.32
C ASN B 452 1.07 32.81 7.36
N ALA B 453 -0.25 32.85 7.20
CA ALA B 453 -1.13 32.14 8.11
C ALA B 453 -0.85 30.64 8.06
N VAL B 454 -0.68 30.10 6.86
CA VAL B 454 -0.42 28.67 6.72
C VAL B 454 0.91 28.31 7.38
N ASP B 455 1.92 29.14 7.19
CA ASP B 455 3.21 28.89 7.82
C ASP B 455 3.09 28.92 9.33
N ALA B 456 2.33 29.89 9.86
CA ALA B 456 2.13 29.95 11.30
C ALA B 456 1.44 28.69 11.81
N LEU B 457 0.42 28.22 11.09
CA LEU B 457 -0.24 26.99 11.47
C LEU B 457 0.75 25.83 11.52
N ILE B 458 1.47 25.63 10.42
CA ILE B 458 2.35 24.48 10.32
C ILE B 458 3.44 24.55 11.36
N ASP B 459 3.80 25.76 11.78
CA ASP B 459 4.69 25.89 12.93
C ASP B 459 4.00 25.41 14.20
N SER B 460 2.77 25.88 14.42
CA SER B 460 2.06 25.47 15.63
C SER B 460 1.74 23.99 15.62
N MET B 461 1.38 23.45 14.46
CA MET B 461 0.91 22.07 14.35
C MET B 461 2.05 21.10 14.08
N SER B 462 3.25 21.42 14.54
CA SER B 462 4.36 20.50 14.41
C SER B 462 4.18 19.31 15.34
N LEU B 463 4.81 18.19 14.97
CA LEU B 463 4.74 16.98 15.76
C LEU B 463 6.09 16.52 16.28
N ALA B 464 7.18 17.16 15.86
CA ALA B 464 8.52 16.80 16.32
C ALA B 464 9.08 17.95 17.14
N LYS B 465 10.32 17.76 17.59
CA LYS B 465 10.98 18.79 18.39
C LYS B 465 12.47 18.49 18.42
N LYS B 466 13.28 19.48 18.05
CA LYS B 466 14.72 19.36 18.22
C LYS B 466 15.04 19.39 19.71
N ASP B 467 15.67 18.32 20.18
CA ASP B 467 15.83 18.10 21.62
C ASP B 467 17.31 18.23 22.00
N GLU B 468 17.53 18.84 23.16
CA GLU B 468 18.85 19.03 23.75
C GLU B 468 19.79 19.81 22.84
N LYS B 469 19.27 20.39 21.76
CA LYS B 469 20.07 21.00 20.70
C LYS B 469 21.09 20.04 20.12
N THR B 470 20.90 18.75 20.36
CA THR B 470 21.69 17.69 19.75
C THR B 470 21.29 17.46 18.30
N ASP B 471 20.44 18.32 17.74
CA ASP B 471 19.96 18.24 16.36
C ASP B 471 19.12 16.99 16.12
N THR B 472 18.90 16.18 17.15
CA THR B 472 18.01 15.04 17.05
C THR B 472 16.57 15.52 17.07
N LEU B 473 15.67 14.66 16.63
CA LEU B 473 14.26 14.98 16.54
C LEU B 473 13.46 13.95 17.30
N GLU B 474 13.02 14.30 18.50
CA GLU B 474 12.17 13.44 19.30
C GLU B 474 10.74 13.56 18.78
N ASP B 475 10.16 12.44 18.37
CA ASP B 475 8.78 12.45 17.94
C ASP B 475 7.86 12.67 19.14
N LEU B 476 6.76 13.39 18.91
CA LEU B 476 5.73 13.56 19.90
C LEU B 476 4.51 12.71 19.61
N PHE B 477 4.57 11.88 18.59
CA PHE B 477 3.42 11.08 18.17
C PHE B 477 3.88 9.92 17.32
N PRO B 478 4.59 8.87 17.83
CA PRO B 478 4.94 7.70 16.99
C PRO B 478 3.69 6.90 16.60
N THR B 479 3.32 6.93 15.32
CA THR B 479 2.10 6.22 14.84
C THR B 479 2.42 4.73 14.65
N THR B 480 3.68 4.41 14.34
CA THR B 480 4.08 3.00 14.08
C THR B 480 4.16 2.24 15.40
N LYS B 481 4.17 2.96 16.53
CA LYS B 481 4.17 2.28 17.85
C LYS B 481 2.71 2.02 18.24
N ILE B 482 1.78 2.77 17.65
CA ILE B 482 0.33 2.56 17.93
C ILE B 482 -0.10 1.23 17.26
N PRO B 483 -0.76 0.23 17.91
CA PRO B 483 -1.21 -0.96 17.18
C PRO B 483 -2.58 -0.73 16.51
N ASN B 484 -3.12 -1.77 15.85
CA ASN B 484 -4.44 -1.64 15.18
C ASN B 484 -5.54 -1.48 16.23
N PRO B 485 -6.27 -0.35 16.27
CA PRO B 485 -7.36 -0.18 17.22
C PRO B 485 -8.52 -1.13 16.87
N ARG B 486 -8.55 -1.65 15.63
CA ARG B 486 -9.67 -2.49 15.24
C ARG B 486 -9.68 -3.79 16.03
N PHE B 487 -8.50 -4.36 16.28
CA PHE B 487 -8.45 -5.61 17.01
C PHE B 487 -8.96 -5.43 18.43
N GLN B 488 -8.53 -4.36 19.09
CA GLN B 488 -8.98 -4.12 20.45
C GLN B 488 -10.48 -3.89 20.50
N ARG B 489 -11.00 -3.08 19.59
CA ARG B 489 -12.44 -2.83 19.59
C ARG B 489 -13.22 -4.10 19.35
N LEU B 490 -12.77 -4.91 18.38
CA LEU B 490 -13.45 -6.16 18.08
C LEU B 490 -13.43 -7.09 19.28
N PHE B 491 -12.27 -7.23 19.91
CA PHE B 491 -12.17 -8.13 21.06
C PHE B 491 -13.08 -7.65 22.18
N GLN B 492 -13.10 -6.35 22.45
CA GLN B 492 -13.94 -5.84 23.53
C GLN B 492 -15.41 -6.09 23.24
N CYS B 493 -15.84 -5.83 22.01
CA CYS B 493 -17.23 -6.07 21.67
C CYS B 493 -17.58 -7.54 21.80
N LEU B 494 -16.71 -8.42 21.30
CA LEU B 494 -16.99 -9.85 21.39
C LEU B 494 -17.09 -10.29 22.84
N LEU B 495 -16.17 -9.84 23.68
CA LEU B 495 -16.20 -10.23 25.08
C LEU B 495 -17.47 -9.72 25.75
N HIS B 496 -17.83 -8.47 25.48
CA HIS B 496 -19.03 -7.91 26.11
C HIS B 496 -20.26 -8.69 25.70
N ARG B 497 -20.37 -9.04 24.42
CA ARG B 497 -21.50 -9.86 24.00
C ARG B 497 -21.47 -11.22 24.67
N ALA B 498 -20.29 -11.83 24.76
CA ALA B 498 -20.17 -13.14 25.36
C ALA B 498 -20.55 -13.13 26.84
N LEU B 499 -20.41 -12.00 27.51
CA LEU B 499 -20.79 -11.92 28.91
C LEU B 499 -22.14 -11.29 29.13
N HIS B 500 -22.59 -10.42 28.22
CA HIS B 500 -23.87 -9.72 28.35
C HIS B 500 -24.62 -9.93 27.06
N PRO B 501 -25.19 -11.12 26.85
CA PRO B 501 -25.79 -11.44 25.55
C PRO B 501 -26.88 -10.48 25.13
N ARG B 502 -27.73 -10.04 26.06
CA ARG B 502 -28.86 -9.20 25.70
C ARG B 502 -28.49 -7.72 25.60
N GLU B 503 -27.33 -7.34 26.11
CA GLU B 503 -26.99 -5.93 26.19
C GLU B 503 -26.45 -5.43 24.85
N PRO B 504 -26.62 -4.15 24.55
CA PRO B 504 -26.10 -3.60 23.30
C PRO B 504 -24.58 -3.45 23.36
N LEU B 505 -24.00 -3.16 22.21
CA LEU B 505 -22.56 -3.03 22.13
C LEU B 505 -22.09 -1.80 22.91
N PRO B 506 -21.09 -1.95 23.76
CA PRO B 506 -20.55 -0.80 24.48
C PRO B 506 -19.82 0.12 23.52
N PRO B 507 -19.74 1.41 23.84
CA PRO B 507 -19.04 2.34 22.95
C PRO B 507 -17.53 2.15 23.05
N ILE B 508 -16.83 2.89 22.20
CA ILE B 508 -15.37 2.82 22.20
C ILE B 508 -14.84 3.33 23.54
N GLN B 509 -13.84 2.62 24.07
CA GLN B 509 -13.22 3.05 25.30
C GLN B 509 -12.48 4.37 25.10
N GLN B 510 -12.49 5.19 26.15
CA GLN B 510 -11.96 6.54 26.02
C GLN B 510 -10.47 6.52 25.70
N HIS B 511 -9.72 5.61 26.32
CA HIS B 511 -8.29 5.58 26.09
C HIS B 511 -7.96 5.30 24.63
N ILE B 512 -8.84 4.61 23.92
CA ILE B 512 -8.61 4.41 22.49
C ILE B 512 -8.64 5.73 21.76
N TRP B 513 -9.64 6.56 22.04
CA TRP B 513 -9.65 7.89 21.44
C TRP B 513 -8.44 8.70 21.88
N ASN B 514 -7.97 8.47 23.11
CA ASN B 514 -6.77 9.16 23.57
C ASN B 514 -5.57 8.79 22.71
N MET B 515 -5.35 7.49 22.52
CA MET B 515 -4.18 7.05 21.75
C MET B 515 -4.33 7.39 20.27
N LEU B 516 -5.55 7.57 19.79
CA LEU B 516 -5.78 7.93 18.39
C LEU B 516 -5.83 9.43 18.18
N ASN B 517 -5.32 10.22 19.12
CA ASN B 517 -5.35 11.66 19.00
C ASN B 517 -3.99 12.23 19.40
N PRO B 518 -3.58 13.34 18.80
CA PRO B 518 -2.32 13.95 19.17
C PRO B 518 -2.40 14.55 20.57
N PRO B 519 -1.27 14.85 21.19
CA PRO B 519 -1.31 15.46 22.53
C PRO B 519 -2.06 16.78 22.50
N ALA B 520 -2.74 17.08 23.59
CA ALA B 520 -3.61 18.25 23.63
C ALA B 520 -2.83 19.54 23.38
N GLU B 521 -1.52 19.52 23.59
CA GLU B 521 -0.72 20.74 23.46
C GLU B 521 -0.79 21.28 22.04
N VAL B 522 -0.65 20.41 21.04
CA VAL B 522 -0.63 20.89 19.67
C VAL B 522 -1.97 21.47 19.29
N THR B 523 -3.07 20.82 19.69
CA THR B 523 -4.39 21.35 19.40
C THR B 523 -4.58 22.71 20.07
N THR B 524 -4.19 22.80 21.33
CA THR B 524 -4.36 24.05 22.07
C THR B 524 -3.57 25.17 21.40
N LYS B 525 -2.34 24.90 21.01
CA LYS B 525 -1.54 25.92 20.34
C LYS B 525 -2.06 26.23 18.95
N SER B 526 -2.74 25.29 18.31
CA SER B 526 -3.24 25.50 16.97
C SER B 526 -4.61 26.14 16.93
N GLN B 527 -5.28 26.26 18.09
CA GLN B 527 -6.62 26.85 18.11
C GLN B 527 -6.67 28.18 17.36
N ILE B 528 -5.74 29.08 17.67
CA ILE B 528 -5.78 30.43 17.11
C ILE B 528 -5.46 30.43 15.62
N PRO B 529 -4.34 29.85 15.17
CA PRO B 529 -4.07 29.87 13.72
C PRO B 529 -5.15 29.21 12.91
N LEU B 530 -5.79 28.18 13.45
CA LEU B 530 -6.91 27.58 12.76
C LEU B 530 -8.03 28.59 12.55
N SER B 531 -8.33 29.38 13.58
CA SER B 531 -9.35 30.41 13.43
C SER B 531 -8.94 31.43 12.39
N LYS B 532 -7.67 31.84 12.40
CA LYS B 532 -7.22 32.81 11.42
C LYS B 532 -7.38 32.27 10.01
N ILE B 533 -7.03 31.00 9.80
CA ILE B 533 -7.16 30.40 8.47
C ILE B 533 -8.63 30.33 8.08
N LYS B 534 -9.49 29.93 9.02
CA LYS B 534 -10.92 29.89 8.74
C LYS B 534 -11.42 31.25 8.29
N THR B 535 -10.91 32.32 8.89
CA THR B 535 -11.26 33.66 8.45
C THR B 535 -10.67 34.00 7.08
N LEU B 536 -9.47 33.52 6.78
CA LEU B 536 -8.75 33.98 5.60
C LEU B 536 -8.98 33.13 4.35
N PHE B 537 -9.75 32.05 4.46
CA PHE B 537 -9.98 31.15 3.33
C PHE B 537 -11.46 30.91 3.15
N PRO B 538 -12.12 31.70 2.31
CA PRO B 538 -13.56 31.49 2.08
C PRO B 538 -13.82 30.14 1.44
N LEU B 539 -14.65 29.34 2.10
CA LEU B 539 -14.99 28.02 1.61
C LEU B 539 -16.50 27.81 1.72
N ILE B 540 -17.13 27.44 0.61
CA ILE B 540 -18.56 27.19 0.58
C ILE B 540 -18.81 25.94 -0.26
N GLU B 541 -19.90 25.24 0.06
CA GLU B 541 -20.23 24.01 -0.64
C GLU B 541 -20.83 24.33 -2.01
N ALA B 542 -21.02 23.27 -2.79
CA ALA B 542 -21.77 23.33 -4.03
C ALA B 542 -23.11 22.65 -3.81
N LYS B 543 -24.19 23.33 -4.21
CA LYS B 543 -25.53 22.90 -3.85
C LYS B 543 -26.15 21.97 -4.89
N LYS B 544 -26.29 22.45 -6.12
CA LYS B 544 -26.93 21.68 -7.17
C LYS B 544 -25.93 20.68 -7.76
N LYS B 545 -26.30 20.08 -8.89
CA LYS B 545 -25.41 19.19 -9.64
C LYS B 545 -24.97 17.98 -8.81
C1 IHP C . 12.60 1.97 16.28
C2 IHP C . 12.44 1.01 17.44
C3 IHP C . 12.02 -0.38 16.95
C4 IHP C . 13.09 -0.86 15.98
C5 IHP C . 12.98 0.00 14.75
C6 IHP C . 13.47 1.37 15.18
O11 IHP C . 13.33 3.11 16.77
P1 IHP C . 12.71 4.52 17.28
O21 IHP C . 11.74 5.06 16.27
O31 IHP C . 12.09 4.23 18.64
O41 IHP C . 13.91 5.46 17.51
O12 IHP C . 13.71 0.90 18.11
P2 IHP C . 14.22 1.53 19.48
O22 IHP C . 13.08 2.13 20.25
O32 IHP C . 15.30 2.55 19.02
O42 IHP C . 14.88 0.36 20.24
O13 IHP C . 11.87 -1.29 18.04
P3 IHP C . 10.39 -1.80 18.46
O23 IHP C . 9.59 -2.18 17.23
O33 IHP C . 9.82 -0.62 19.24
O43 IHP C . 10.62 -2.98 19.43
O14 IHP C . 12.98 -2.28 15.70
P4 IHP C . 14.12 -3.41 16.01
O24 IHP C . 14.65 -3.32 17.41
O34 IHP C . 15.22 -3.25 14.96
O44 IHP C . 13.39 -4.72 15.72
O15 IHP C . 13.83 -0.51 13.71
P5 IHP C . 13.43 -0.99 12.24
O25 IHP C . 14.56 -0.76 11.33
O35 IHP C . 12.16 -0.20 11.86
O45 IHP C . 13.08 -2.48 12.38
O16 IHP C . 13.57 2.24 14.04
P6 IHP C . 14.96 2.53 13.31
O26 IHP C . 15.08 1.60 12.16
O36 IHP C . 16.10 2.34 14.35
O46 IHP C . 14.92 4.02 12.92
#